data_8R6Z
#
_entry.id   8R6Z
#
_cell.length_a   53.529
_cell.length_b   137.672
_cell.length_c   202.506
_cell.angle_alpha   90.000
_cell.angle_beta   90.000
_cell.angle_gamma   90.000
#
_symmetry.space_group_name_H-M   'P 21 21 21'
#
loop_
_entity.id
_entity.type
_entity.pdbx_description
1 polymer Heparinase
2 non-polymer 'ZINC ION'
3 water water
#
_entity_poly.entity_id   1
_entity_poly.type   'polypeptide(L)'
_entity_poly.pdbx_seq_one_letter_code
;MGSSHHHHHHSSGLVPRGSHMASNAYTERDMLQKAADETTLKNVLVMKQAWVPYPAYTDRAAWDSLMGSNKQRLIAAGEK
LLDYKWQLIPATAYLEYERTGNRKIMEVPYDANRQALNTLMLAELAEGKGRFIDQLLNGAYMSCEMNSWVLSAHLPRQSS
KRSLPDFREQIIDLGSGGYGALMAWVHYFFRKPFDKINPVVSLQMRKAIKERILDPYMNDDDMWWMAFNWQPGEIINNWN
PWCNSNALQCFLLMENNKDRLAKAVYRSMKSVDKFINFVKSDGACEEGTSYWGHAAGKLYDYLQILSDGTGGKISLLNEP
MIRRMGEYMSRSYVGNGWVVNFADASAQGGGDPLLIYRFGKAVNSNEMMHFAAYLLNGRKPYATMGNDAFRSLQSLLCCN
DLAKETPKHDMPDVTWYPETEFCYMKNKNGMFVAAKGGFNNESHNHNDVGTFSLYVNTIPVILDAGVGTYTKQTFGKDRY
TIWTMQSNYHNLPMINGIPQKYGQEYKATNTTCNEKKRVFSTDIAAAYPSEAKVKNWIRSYTLDDRKLTITDSYTLEEAV
APNQVNFMTWGNVTFPSQGKIQIEVKGQKVELDYPTLFKAELETIQLDDPRLSNVWGKEIYRITLKTNEKKETGNYKFVI
QQIK
;
_entity_poly.pdbx_strand_id   B,A
#
loop_
_chem_comp.id
_chem_comp.type
_chem_comp.name
_chem_comp.formula
ZN non-polymer 'ZINC ION' 'Zn 2'
#
# COMPACT_ATOMS: atom_id res chain seq x y z
N GLU A 28 11.06 20.26 -43.74
CA GLU A 28 11.57 21.64 -44.06
C GLU A 28 10.46 22.62 -44.51
N ARG A 29 9.56 22.90 -43.59
CA ARG A 29 8.50 23.87 -43.82
C ARG A 29 9.04 25.27 -43.51
N ASP A 30 9.86 25.40 -42.48
CA ASP A 30 10.37 26.70 -42.02
C ASP A 30 9.29 27.78 -41.87
N MET A 31 8.21 27.46 -41.14
CA MET A 31 7.04 28.29 -41.08
C MET A 31 7.41 29.66 -40.47
N LEU A 32 8.25 29.64 -39.42
CA LEU A 32 8.52 30.91 -38.74
C LEU A 32 9.40 31.80 -39.61
N GLN A 33 10.43 31.22 -40.25
CA GLN A 33 11.29 32.02 -41.13
C GLN A 33 10.53 32.54 -42.32
N LYS A 34 9.51 31.81 -42.79
CA LYS A 34 8.66 32.30 -43.84
C LYS A 34 7.75 33.42 -43.34
N ALA A 35 7.20 33.33 -42.11
CA ALA A 35 6.33 34.41 -41.63
C ALA A 35 7.14 35.72 -41.45
N ALA A 36 8.45 35.70 -41.21
CA ALA A 36 9.19 36.91 -40.90
C ALA A 36 10.70 36.70 -40.93
N ASP A 37 11.45 37.75 -41.28
CA ASP A 37 12.90 37.76 -41.15
C ASP A 37 13.31 38.80 -40.11
N GLU A 38 14.60 39.12 -40.01
CA GLU A 38 15.07 39.99 -38.95
C GLU A 38 14.51 41.41 -39.15
N THR A 39 14.38 41.87 -40.43
CA THR A 39 13.90 43.20 -40.76
C THR A 39 12.44 43.34 -40.36
N THR A 40 11.60 42.34 -40.66
CA THR A 40 10.19 42.28 -40.29
C THR A 40 10.07 42.44 -38.80
N LEU A 41 10.93 41.70 -38.09
CA LEU A 41 10.94 41.67 -36.66
C LEU A 41 11.16 43.04 -36.03
N LYS A 42 12.21 43.68 -36.49
CA LYS A 42 12.53 44.99 -36.00
C LYS A 42 11.34 45.94 -36.19
N ASN A 43 10.58 45.77 -37.28
CA ASN A 43 9.41 46.62 -37.49
C ASN A 43 8.24 46.28 -36.57
N VAL A 44 8.03 45.04 -36.11
CA VAL A 44 6.81 44.72 -35.39
C VAL A 44 7.05 44.46 -33.89
N LEU A 45 8.29 44.35 -33.42
CA LEU A 45 8.51 44.07 -32.02
C LEU A 45 7.96 45.19 -31.15
N VAL A 46 7.34 44.84 -30.04
CA VAL A 46 6.84 45.84 -29.11
C VAL A 46 7.84 46.02 -27.99
N MET A 47 8.36 47.22 -27.84
CA MET A 47 9.40 47.54 -26.88
C MET A 47 8.76 47.99 -25.56
N LYS A 48 9.61 48.24 -24.61
CA LYS A 48 9.27 48.64 -23.24
C LYS A 48 8.25 47.72 -22.56
N GLN A 49 8.20 46.44 -22.93
CA GLN A 49 7.32 45.50 -22.30
C GLN A 49 5.88 45.99 -22.39
N ALA A 50 5.55 46.71 -23.44
CA ALA A 50 4.19 47.14 -23.67
C ALA A 50 3.31 45.97 -24.04
N TRP A 51 3.85 44.83 -24.44
CA TRP A 51 3.04 43.64 -24.73
C TRP A 51 2.50 42.97 -23.44
N VAL A 52 2.97 43.37 -22.25
CA VAL A 52 2.66 42.60 -21.05
C VAL A 52 1.18 42.71 -20.83
N PRO A 53 0.48 41.57 -20.73
CA PRO A 53 -0.96 41.59 -20.54
C PRO A 53 -1.56 41.68 -19.14
N TYR A 54 -0.75 41.76 -18.08
CA TYR A 54 -1.17 41.85 -16.68
C TYR A 54 -1.19 43.30 -16.22
N PRO A 55 -2.10 43.70 -15.31
CA PRO A 55 -2.06 45.05 -14.73
C PRO A 55 -0.74 45.35 -14.04
N ALA A 56 -0.45 46.63 -14.04
CA ALA A 56 0.63 47.18 -13.22
C ALA A 56 0.50 46.69 -11.76
N TYR A 57 1.60 46.40 -11.12
CA TYR A 57 1.58 46.05 -9.72
C TYR A 57 0.80 47.08 -8.89
N THR A 58 0.88 48.38 -9.19
CA THR A 58 0.21 49.37 -8.36
C THR A 58 -1.29 49.41 -8.62
N ASP A 59 -1.81 48.67 -9.61
CA ASP A 59 -3.18 48.82 -10.06
C ASP A 59 -4.07 47.79 -9.36
N ARG A 60 -4.39 48.08 -8.11
CA ARG A 60 -5.09 47.14 -7.25
C ARG A 60 -6.44 46.72 -7.79
N ALA A 61 -7.27 47.65 -8.27
CA ALA A 61 -8.63 47.34 -8.71
C ALA A 61 -8.59 46.31 -9.83
N ALA A 62 -7.68 46.53 -10.75
CA ALA A 62 -7.54 45.62 -11.89
C ALA A 62 -7.04 44.25 -11.44
N TRP A 63 -6.09 44.24 -10.48
CA TRP A 63 -5.64 42.98 -9.88
C TRP A 63 -6.77 42.25 -9.20
N ASP A 64 -7.53 42.92 -8.38
CA ASP A 64 -8.71 42.29 -7.80
C ASP A 64 -9.68 41.72 -8.83
N SER A 65 -10.04 42.43 -9.91
CA SER A 65 -10.99 41.87 -10.87
C SER A 65 -10.42 40.63 -11.53
N LEU A 66 -9.19 40.74 -12.01
CA LEU A 66 -8.54 39.63 -12.69
C LEU A 66 -8.44 38.42 -11.77
N MET A 67 -8.09 38.62 -10.50
CA MET A 67 -7.75 37.54 -9.62
C MET A 67 -9.03 36.85 -9.17
N GLY A 68 -10.11 37.58 -8.85
CA GLY A 68 -11.31 36.89 -8.39
C GLY A 68 -10.97 36.14 -7.09
N SER A 69 -11.44 34.92 -6.95
CA SER A 69 -11.20 34.14 -5.74
C SER A 69 -9.82 33.47 -5.71
N ASN A 70 -8.97 33.63 -6.76
CA ASN A 70 -7.56 33.33 -6.66
C ASN A 70 -6.87 34.20 -5.60
N LYS A 71 -7.44 35.33 -5.28
CA LYS A 71 -6.76 36.32 -4.46
C LYS A 71 -6.52 35.74 -3.06
N GLN A 72 -7.55 35.36 -2.33
CA GLN A 72 -7.40 34.88 -0.98
C GLN A 72 -6.53 33.63 -0.99
N ARG A 73 -6.70 32.78 -1.98
CA ARG A 73 -5.92 31.55 -2.10
C ARG A 73 -4.41 31.75 -2.23
N LEU A 74 -4.02 32.71 -3.05
CA LEU A 74 -2.61 33.00 -3.27
C LEU A 74 -2.01 33.71 -2.07
N ILE A 75 -2.74 34.66 -1.52
CA ILE A 75 -2.35 35.32 -0.29
C ILE A 75 -2.04 34.26 0.78
N ALA A 76 -2.90 33.25 0.94
CA ALA A 76 -2.68 32.22 1.96
C ALA A 76 -1.45 31.37 1.62
N ALA A 77 -1.27 31.06 0.31
CA ALA A 77 -0.06 30.37 -0.11
C ALA A 77 1.17 31.21 0.25
N GLY A 78 1.13 32.51 0.02
CA GLY A 78 2.25 33.39 0.32
C GLY A 78 2.55 33.44 1.81
N GLU A 79 1.51 33.49 2.60
CA GLU A 79 1.64 33.70 4.02
C GLU A 79 2.39 32.54 4.62
N LYS A 80 2.18 31.33 4.07
CA LYS A 80 2.95 30.14 4.50
C LYS A 80 4.43 30.25 4.23
N LEU A 81 4.92 31.19 3.42
CA LEU A 81 6.30 31.38 3.08
C LEU A 81 6.89 32.65 3.68
N LEU A 82 6.25 33.30 4.61
CA LEU A 82 6.84 34.52 5.19
C LEU A 82 8.08 34.27 6.02
N ASP A 83 8.24 33.07 6.55
CA ASP A 83 9.47 32.67 7.24
C ASP A 83 10.17 31.49 6.53
N TYR A 84 9.93 31.29 5.22
CA TYR A 84 10.66 30.26 4.51
C TYR A 84 12.13 30.57 4.51
N LYS A 85 12.99 29.57 4.79
CA LYS A 85 14.41 29.80 4.79
C LYS A 85 14.94 29.34 3.44
N TRP A 86 15.46 30.27 2.67
CA TRP A 86 16.02 30.01 1.35
C TRP A 86 17.08 28.91 1.49
N GLN A 87 16.98 27.85 0.69
CA GLN A 87 17.89 26.75 0.90
C GLN A 87 19.15 26.95 0.09
N LEU A 88 20.31 26.86 0.76
CA LEU A 88 21.57 26.68 0.05
C LEU A 88 21.75 25.26 -0.54
N ILE A 89 22.30 25.21 -1.74
CA ILE A 89 22.71 23.94 -2.31
C ILE A 89 24.22 23.76 -2.17
N PRO A 90 24.68 22.79 -1.37
CA PRO A 90 26.09 22.63 -1.16
C PRO A 90 26.78 22.01 -2.39
N ALA A 91 28.10 22.22 -2.45
CA ALA A 91 28.92 21.67 -3.50
C ALA A 91 28.75 20.16 -3.55
N THR A 92 28.66 19.50 -2.39
CA THR A 92 28.56 18.05 -2.35
C THR A 92 27.25 17.60 -2.97
N ALA A 93 26.21 18.43 -3.02
CA ALA A 93 24.97 18.01 -3.64
C ALA A 93 25.15 17.90 -5.15
N TYR A 94 25.92 18.81 -5.77
CA TYR A 94 26.24 18.74 -7.19
C TYR A 94 27.23 17.63 -7.49
N LEU A 95 28.24 17.47 -6.63
CA LEU A 95 29.21 16.38 -6.74
C LEU A 95 28.58 15.01 -6.64
N GLU A 96 27.52 14.87 -5.88
CA GLU A 96 26.87 13.59 -5.73
C GLU A 96 26.31 13.02 -7.05
N TYR A 97 26.03 13.86 -8.07
CA TYR A 97 25.52 13.32 -9.32
C TYR A 97 26.61 12.48 -10.00
N GLU A 98 27.88 12.90 -9.85
CA GLU A 98 28.99 12.18 -10.42
C GLU A 98 29.28 11.01 -9.54
N ARG A 99 29.02 11.09 -8.26
CA ARG A 99 29.45 10.05 -7.36
C ARG A 99 28.47 8.88 -7.50
N THR A 100 27.17 9.13 -7.53
CA THR A 100 26.20 8.05 -7.39
C THR A 100 25.04 8.23 -8.36
N GLY A 101 24.94 9.31 -9.09
CA GLY A 101 23.82 9.41 -9.97
C GLY A 101 22.65 10.16 -9.33
N ASN A 102 22.81 10.59 -8.07
CA ASN A 102 21.73 11.20 -7.31
C ASN A 102 21.47 12.60 -7.81
N ARG A 103 20.19 12.83 -8.18
CA ARG A 103 19.72 14.09 -8.75
C ARG A 103 18.97 14.90 -7.70
N LYS A 104 18.20 14.19 -6.86
CA LYS A 104 17.23 14.82 -5.99
C LYS A 104 17.89 15.55 -4.85
N ILE A 105 19.05 15.10 -4.41
CA ILE A 105 19.79 15.82 -3.37
C ILE A 105 19.98 17.27 -3.77
N MET A 106 20.19 17.55 -5.08
CA MET A 106 20.32 18.91 -5.56
C MET A 106 18.97 19.50 -5.96
N GLU A 107 18.11 18.76 -6.62
CA GLU A 107 16.90 19.29 -7.20
C GLU A 107 15.84 19.64 -6.19
N VAL A 108 15.79 19.02 -5.01
CA VAL A 108 14.67 19.20 -4.10
C VAL A 108 14.80 20.61 -3.51
N PRO A 109 15.96 21.01 -2.98
CA PRO A 109 16.08 22.40 -2.50
C PRO A 109 15.97 23.44 -3.62
N TYR A 110 16.44 23.08 -4.82
CA TYR A 110 16.43 24.00 -5.93
C TYR A 110 14.99 24.32 -6.23
N ASP A 111 14.18 23.30 -6.42
CA ASP A 111 12.81 23.46 -6.82
C ASP A 111 12.01 24.09 -5.70
N ALA A 112 12.30 23.72 -4.45
CA ALA A 112 11.60 24.30 -3.32
C ALA A 112 11.78 25.83 -3.36
N ASN A 113 13.03 26.29 -3.66
CA ASN A 113 13.31 27.71 -3.74
C ASN A 113 12.54 28.33 -4.92
N ARG A 114 12.56 27.66 -6.07
CA ARG A 114 11.91 28.20 -7.25
C ARG A 114 10.40 28.27 -7.08
N GLN A 115 9.78 27.24 -6.51
CA GLN A 115 8.37 27.32 -6.20
C GLN A 115 8.07 28.46 -5.19
N ALA A 116 8.86 28.61 -4.12
CA ALA A 116 8.67 29.67 -3.13
C ALA A 116 8.71 31.03 -3.81
N LEU A 117 9.65 31.25 -4.71
CA LEU A 117 9.74 32.52 -5.37
C LEU A 117 8.52 32.73 -6.28
N ASN A 118 8.13 31.74 -7.02
CA ASN A 118 6.97 31.84 -7.89
C ASN A 118 5.72 32.14 -7.07
N THR A 119 5.49 31.46 -5.96
CA THR A 119 4.31 31.64 -5.14
C THR A 119 4.31 33.05 -4.53
N LEU A 120 5.45 33.48 -3.93
CA LEU A 120 5.57 34.81 -3.42
C LEU A 120 5.24 35.85 -4.51
N MET A 121 5.71 35.65 -5.78
CA MET A 121 5.35 36.60 -6.81
C MET A 121 3.82 36.72 -6.94
N LEU A 122 3.08 35.62 -7.01
CA LEU A 122 1.65 35.64 -7.20
C LEU A 122 0.95 36.23 -5.96
N ALA A 123 1.44 35.89 -4.76
CA ALA A 123 0.85 36.44 -3.54
C ALA A 123 0.97 37.95 -3.47
N GLU A 124 2.12 38.48 -3.87
CA GLU A 124 2.32 39.92 -3.85
C GLU A 124 1.54 40.64 -4.95
N LEU A 125 1.44 40.03 -6.13
CA LEU A 125 0.51 40.57 -7.11
C LEU A 125 -0.91 40.61 -6.54
N ALA A 126 -1.28 39.57 -5.77
CA ALA A 126 -2.65 39.38 -5.28
C ALA A 126 -2.99 40.41 -4.21
N GLU A 127 -2.03 40.63 -3.28
CA GLU A 127 -2.27 41.49 -2.13
C GLU A 127 -1.88 42.96 -2.37
N GLY A 128 -0.68 43.18 -2.88
CA GLY A 128 -0.14 44.45 -3.26
C GLY A 128 0.07 45.38 -2.10
N LYS A 129 0.32 44.89 -0.87
CA LYS A 129 0.61 45.81 0.21
C LYS A 129 2.06 45.80 0.66
N GLY A 130 2.92 45.10 -0.04
CA GLY A 130 4.35 45.12 0.26
C GLY A 130 4.75 43.99 1.21
N ARG A 131 3.80 43.16 1.61
CA ARG A 131 4.08 42.23 2.71
C ARG A 131 5.04 41.10 2.31
N PHE A 132 5.10 40.74 1.02
CA PHE A 132 5.94 39.61 0.59
C PHE A 132 7.20 40.13 -0.09
N ILE A 133 7.40 41.46 -0.06
CA ILE A 133 8.41 42.05 -0.88
C ILE A 133 9.75 41.59 -0.32
N ASP A 134 9.89 41.48 1.03
CA ASP A 134 11.19 41.20 1.61
C ASP A 134 11.64 39.77 1.26
N GLN A 135 10.75 38.80 1.36
CA GLN A 135 11.07 37.47 0.89
C GLN A 135 11.30 37.42 -0.61
N LEU A 136 10.60 38.20 -1.42
CA LEU A 136 10.90 38.21 -2.84
C LEU A 136 12.32 38.69 -3.06
N LEU A 137 12.71 39.69 -2.28
CA LEU A 137 14.02 40.28 -2.40
C LEU A 137 15.08 39.30 -1.94
N ASN A 138 14.81 38.58 -0.87
CA ASN A 138 15.72 37.57 -0.40
C ASN A 138 15.92 36.50 -1.46
N GLY A 139 14.81 36.02 -2.03
CA GLY A 139 14.90 34.94 -2.99
C GLY A 139 15.72 35.38 -4.22
N ALA A 140 15.51 36.64 -4.64
CA ALA A 140 16.18 37.14 -5.81
C ALA A 140 17.67 37.26 -5.58
N TYR A 141 17.99 37.86 -4.44
CA TYR A 141 19.35 38.03 -4.09
C TYR A 141 20.06 36.69 -3.91
N MET A 142 19.47 35.75 -3.18
CA MET A 142 20.17 34.47 -3.04
C MET A 142 20.41 33.83 -4.42
N SER A 143 19.43 33.95 -5.33
CA SER A 143 19.57 33.31 -6.64
C SER A 143 20.75 33.98 -7.38
N CYS A 144 21.04 35.26 -7.10
CA CYS A 144 22.07 35.93 -7.86
C CYS A 144 23.37 35.44 -7.33
N GLU A 145 23.39 35.01 -6.06
CA GLU A 145 24.64 34.60 -5.43
C GLU A 145 25.08 33.21 -5.88
N MET A 146 24.09 32.33 -6.19
CA MET A 146 24.36 31.02 -6.78
C MET A 146 25.26 31.12 -8.03
N ASN A 147 26.23 30.26 -8.14
CA ASN A 147 27.10 30.30 -9.31
C ASN A 147 26.33 29.95 -10.58
N SER A 148 25.27 29.12 -10.56
CA SER A 148 24.61 28.68 -11.76
C SER A 148 23.17 28.33 -11.41
N TRP A 149 22.27 28.37 -12.37
CA TRP A 149 20.92 27.86 -12.22
C TRP A 149 20.70 26.54 -12.96
N VAL A 150 21.80 25.90 -13.40
CA VAL A 150 21.74 24.64 -14.15
C VAL A 150 21.73 23.48 -13.16
N LEU A 151 20.88 22.49 -13.45
CA LEU A 151 20.75 21.26 -12.69
C LEU A 151 22.07 20.49 -12.74
N SER A 152 22.35 19.79 -11.65
CA SER A 152 23.60 19.04 -11.56
C SER A 152 23.71 17.98 -12.66
N ALA A 153 22.60 17.29 -12.94
CA ALA A 153 22.52 16.33 -14.03
C ALA A 153 22.78 16.94 -15.39
N HIS A 154 22.70 18.27 -15.60
CA HIS A 154 22.91 18.83 -16.94
C HIS A 154 24.25 19.55 -17.07
N LEU A 155 24.83 19.94 -15.92
CA LEU A 155 26.03 20.72 -15.92
C LEU A 155 27.08 19.95 -16.66
N PRO A 156 27.16 18.59 -16.66
CA PRO A 156 28.23 17.90 -17.37
C PRO A 156 28.34 18.15 -18.89
N ARG A 157 27.35 18.85 -19.47
CA ARG A 157 27.44 19.36 -20.83
C ARG A 157 28.38 20.56 -20.95
N GLN A 158 28.74 21.20 -19.85
CA GLN A 158 29.65 22.31 -19.96
C GLN A 158 31.03 21.82 -20.41
N SER A 159 31.92 22.76 -20.75
CA SER A 159 33.24 22.40 -21.29
C SER A 159 34.00 21.43 -20.39
N SER A 160 34.04 21.77 -19.07
CA SER A 160 34.78 20.92 -18.14
C SER A 160 34.15 19.55 -17.98
N LYS A 161 32.90 19.35 -18.38
CA LYS A 161 32.20 18.07 -18.20
C LYS A 161 31.97 17.68 -16.73
N ARG A 162 31.94 18.65 -15.78
CA ARG A 162 31.72 18.30 -14.38
C ARG A 162 30.29 18.65 -14.00
N SER A 163 29.85 18.06 -12.89
CA SER A 163 28.50 18.30 -12.33
C SER A 163 28.43 19.49 -11.40
N LEU A 164 29.54 20.14 -11.13
CA LEU A 164 29.61 21.30 -10.24
C LEU A 164 29.66 22.55 -11.13
N PRO A 165 28.96 23.66 -10.77
CA PRO A 165 29.03 24.88 -11.54
C PRO A 165 30.47 25.34 -11.67
N ASP A 166 30.77 25.83 -12.89
CA ASP A 166 31.98 26.54 -13.16
C ASP A 166 31.67 28.01 -13.30
N PHE A 167 32.19 28.82 -12.41
CA PHE A 167 31.82 30.24 -12.36
C PHE A 167 32.28 30.98 -13.62
N ARG A 168 33.14 30.42 -14.43
CA ARG A 168 33.62 31.11 -15.63
C ARG A 168 32.70 30.84 -16.83
N GLU A 169 31.70 29.96 -16.73
CA GLU A 169 30.95 29.58 -17.91
C GLU A 169 29.51 29.27 -17.55
N GLN A 170 28.56 29.62 -18.40
CA GLN A 170 27.17 29.29 -18.19
C GLN A 170 26.65 28.53 -19.42
N ILE A 171 25.92 27.44 -19.26
CA ILE A 171 25.09 26.91 -20.30
C ILE A 171 23.65 27.10 -19.84
N ILE A 172 22.71 26.80 -20.75
CA ILE A 172 21.31 26.83 -20.47
C ILE A 172 20.74 25.42 -20.55
N ASP A 173 19.91 25.10 -19.57
CA ASP A 173 19.21 23.81 -19.54
C ASP A 173 17.74 24.12 -19.25
N LEU A 174 16.94 23.06 -19.06
CA LEU A 174 15.54 23.24 -18.78
C LEU A 174 15.34 24.06 -17.51
N GLY A 175 16.15 23.76 -16.49
CA GLY A 175 16.01 24.42 -15.20
C GLY A 175 16.41 25.90 -15.25
N SER A 176 17.63 26.19 -15.76
CA SER A 176 18.12 27.55 -15.75
C SER A 176 17.21 28.46 -16.55
N GLY A 177 16.83 28.04 -17.76
CA GLY A 177 15.88 28.80 -18.55
C GLY A 177 14.64 29.23 -17.76
N GLY A 178 14.05 28.29 -17.03
CA GLY A 178 12.89 28.54 -16.21
C GLY A 178 13.19 29.45 -15.04
N TYR A 179 14.34 29.26 -14.40
CA TYR A 179 14.84 30.11 -13.34
C TYR A 179 14.99 31.54 -13.84
N GLY A 180 15.64 31.69 -15.02
CA GLY A 180 15.83 33.01 -15.63
C GLY A 180 14.52 33.73 -15.91
N ALA A 181 13.57 33.04 -16.52
CA ALA A 181 12.28 33.60 -16.87
C ALA A 181 11.54 34.05 -15.61
N LEU A 182 11.59 33.24 -14.56
CA LEU A 182 10.95 33.60 -13.31
C LEU A 182 11.60 34.86 -12.68
N MET A 183 12.91 34.88 -12.67
CA MET A 183 13.61 36.05 -12.20
C MET A 183 13.28 37.29 -13.06
N ALA A 184 13.17 37.09 -14.35
CA ALA A 184 12.88 38.16 -15.26
C ALA A 184 11.50 38.74 -14.96
N TRP A 185 10.55 37.88 -14.65
CA TRP A 185 9.24 38.39 -14.28
C TRP A 185 9.31 39.05 -12.91
N VAL A 186 10.09 38.55 -12.00
CA VAL A 186 10.09 39.18 -10.66
C VAL A 186 10.71 40.58 -10.79
N HIS A 187 11.75 40.69 -11.61
CA HIS A 187 12.35 41.99 -11.92
C HIS A 187 11.33 42.95 -12.54
N TYR A 188 10.53 42.43 -13.49
CA TYR A 188 9.51 43.22 -14.16
C TYR A 188 8.50 43.76 -13.17
N PHE A 189 7.97 42.94 -12.25
CA PHE A 189 6.91 43.51 -11.44
C PHE A 189 7.43 44.29 -10.24
N PHE A 190 8.62 43.98 -9.75
CA PHE A 190 8.99 44.42 -8.42
C PHE A 190 10.22 45.30 -8.41
N ARG A 191 10.67 45.70 -9.59
CA ARG A 191 11.82 46.58 -9.67
C ARG A 191 11.64 47.84 -8.81
N LYS A 192 10.51 48.50 -8.90
CA LYS A 192 10.32 49.78 -8.24
C LYS A 192 10.32 49.64 -6.71
N PRO A 193 9.52 48.74 -6.11
CA PRO A 193 9.64 48.47 -4.67
C PRO A 193 11.01 47.96 -4.22
N PHE A 194 11.65 47.07 -5.00
CA PHE A 194 13.00 46.62 -4.74
C PHE A 194 13.95 47.82 -4.72
N ASP A 195 13.84 48.70 -5.71
CA ASP A 195 14.77 49.82 -5.84
C ASP A 195 14.60 50.83 -4.69
N LYS A 196 13.37 50.97 -4.17
CA LYS A 196 13.17 51.82 -3.02
C LYS A 196 13.88 51.24 -1.82
N ILE A 197 14.00 49.91 -1.74
CA ILE A 197 14.75 49.28 -0.64
C ILE A 197 16.25 49.39 -0.91
N ASN A 198 16.70 49.04 -2.10
CA ASN A 198 18.11 49.10 -2.43
C ASN A 198 18.27 48.76 -3.89
N PRO A 199 18.64 49.71 -4.76
CA PRO A 199 18.66 49.48 -6.19
C PRO A 199 19.67 48.44 -6.67
N VAL A 200 20.59 48.04 -5.80
CA VAL A 200 21.58 47.07 -6.19
C VAL A 200 21.00 45.67 -6.43
N VAL A 201 19.86 45.35 -5.86
CA VAL A 201 19.26 44.06 -6.04
C VAL A 201 18.82 43.92 -7.48
N SER A 202 18.04 44.88 -7.99
CA SER A 202 17.54 44.73 -9.33
C SER A 202 18.71 44.80 -10.33
N LEU A 203 19.74 45.55 -10.01
CA LEU A 203 20.92 45.68 -10.84
C LEU A 203 21.61 44.33 -11.04
N GLN A 204 21.75 43.62 -9.94
CA GLN A 204 22.40 42.34 -9.93
C GLN A 204 21.54 41.29 -10.65
N MET A 205 20.22 41.36 -10.53
CA MET A 205 19.37 40.44 -11.23
C MET A 205 19.55 40.63 -12.73
N ARG A 206 19.78 41.87 -13.20
CA ARG A 206 19.88 42.17 -14.62
C ARG A 206 21.20 41.65 -15.17
N LYS A 207 22.22 41.78 -14.37
CA LYS A 207 23.52 41.20 -14.65
C LYS A 207 23.49 39.68 -14.69
N ALA A 208 22.82 39.06 -13.73
CA ALA A 208 22.71 37.61 -13.65
C ALA A 208 21.96 37.03 -14.86
N ILE A 209 20.80 37.62 -15.20
CA ILE A 209 20.00 37.14 -16.29
C ILE A 209 20.81 37.34 -17.58
N LYS A 210 21.63 38.37 -17.66
CA LYS A 210 22.49 38.63 -18.78
C LYS A 210 23.56 37.57 -18.96
N GLU A 211 24.24 37.23 -17.88
CA GLU A 211 25.32 36.29 -17.90
C GLU A 211 24.85 34.87 -18.09
N ARG A 212 23.58 34.60 -17.64
CA ARG A 212 23.11 33.22 -17.51
C ARG A 212 22.17 32.81 -18.63
N ILE A 213 21.53 33.78 -19.26
CA ILE A 213 20.57 33.52 -20.29
C ILE A 213 20.98 34.28 -21.55
N LEU A 214 20.97 35.60 -21.49
CA LEU A 214 21.03 36.40 -22.73
C LEU A 214 22.31 36.14 -23.53
N ASP A 215 23.43 36.24 -22.85
CA ASP A 215 24.76 36.17 -23.42
C ASP A 215 25.01 34.78 -24.02
N PRO A 216 24.93 33.71 -23.20
CA PRO A 216 25.11 32.39 -23.73
C PRO A 216 24.14 32.07 -24.87
N TYR A 217 22.88 32.43 -24.73
CA TYR A 217 21.91 32.19 -25.79
C TYR A 217 22.41 32.78 -27.12
N MET A 218 22.85 34.03 -27.10
CA MET A 218 23.36 34.70 -28.29
C MET A 218 24.74 34.22 -28.73
N ASN A 219 25.63 33.85 -27.84
CA ASN A 219 27.00 33.65 -28.19
C ASN A 219 27.34 32.19 -28.39
N ASP A 220 26.47 31.25 -28.05
CA ASP A 220 26.89 29.85 -28.09
C ASP A 220 25.93 29.14 -29.03
N ASP A 221 26.40 28.83 -30.25
CA ASP A 221 25.55 28.28 -31.31
C ASP A 221 25.37 26.78 -31.17
N ASP A 222 26.17 26.21 -30.27
CA ASP A 222 26.40 24.79 -30.26
C ASP A 222 25.63 24.19 -29.09
N MET A 223 24.68 24.88 -28.45
CA MET A 223 23.92 24.14 -27.44
C MET A 223 23.07 23.08 -28.14
N TRP A 224 22.98 21.86 -27.57
CA TRP A 224 22.52 20.74 -28.39
C TRP A 224 21.04 20.94 -28.73
N TRP A 225 20.25 21.50 -27.75
CA TRP A 225 18.80 21.63 -27.92
C TRP A 225 18.43 22.78 -28.90
N MET A 226 19.39 23.64 -29.29
CA MET A 226 19.11 24.72 -30.23
C MET A 226 18.97 24.16 -31.65
N ALA A 227 19.68 23.06 -31.89
CA ALA A 227 19.63 22.31 -33.16
C ALA A 227 20.10 23.09 -34.38
N PHE A 228 20.97 24.10 -34.18
CA PHE A 228 21.69 24.70 -35.30
C PHE A 228 22.77 23.68 -35.74
N ASN A 229 23.03 23.61 -37.03
CA ASN A 229 23.88 22.55 -37.57
C ASN A 229 23.25 21.15 -37.48
N TRP A 230 21.98 20.99 -37.06
CA TRP A 230 21.34 19.68 -36.92
C TRP A 230 21.59 18.78 -38.14
N GLN A 231 21.89 17.51 -37.83
CA GLN A 231 22.29 16.45 -38.73
C GLN A 231 21.22 15.35 -38.71
N PRO A 232 20.86 14.71 -39.85
CA PRO A 232 20.01 13.52 -39.82
C PRO A 232 20.58 12.51 -38.80
N GLY A 233 19.69 11.92 -38.00
CA GLY A 233 20.12 10.99 -36.99
C GLY A 233 20.13 11.63 -35.61
N GLU A 234 20.53 12.90 -35.49
CA GLU A 234 20.46 13.56 -34.20
C GLU A 234 19.00 13.82 -33.76
N ILE A 235 18.85 14.02 -32.45
CA ILE A 235 17.49 14.15 -31.95
C ILE A 235 17.26 15.60 -31.56
N ILE A 236 16.04 16.02 -31.87
CA ILE A 236 15.47 17.26 -31.40
C ILE A 236 14.23 16.83 -30.63
N ASN A 237 13.89 17.49 -29.53
CA ASN A 237 12.81 17.10 -28.65
C ASN A 237 12.29 18.36 -27.93
N ASN A 238 11.48 18.13 -26.90
CA ASN A 238 10.80 19.15 -26.14
C ASN A 238 11.80 20.22 -25.62
N TRP A 239 13.12 19.90 -25.41
CA TRP A 239 14.04 20.89 -24.87
C TRP A 239 14.09 22.14 -25.76
N ASN A 240 13.88 21.92 -27.08
CA ASN A 240 14.03 23.02 -28.01
C ASN A 240 12.90 24.03 -27.79
N PRO A 241 11.60 23.75 -27.97
CA PRO A 241 10.59 24.77 -27.70
C PRO A 241 10.51 25.23 -26.24
N TRP A 242 10.82 24.31 -25.30
CA TRP A 242 10.82 24.68 -23.87
C TRP A 242 11.90 25.73 -23.53
N CYS A 243 13.18 25.42 -23.85
CA CYS A 243 14.25 26.38 -23.62
C CYS A 243 14.09 27.64 -24.46
N ASN A 244 13.68 27.55 -25.74
CA ASN A 244 13.47 28.75 -26.55
C ASN A 244 12.37 29.65 -26.00
N SER A 245 11.29 29.08 -25.46
CA SER A 245 10.24 29.85 -24.85
C SER A 245 10.70 30.64 -23.61
N ASN A 246 11.55 30.04 -22.79
CA ASN A 246 12.11 30.66 -21.61
C ASN A 246 13.11 31.74 -22.04
N ALA A 247 13.98 31.48 -23.02
CA ALA A 247 14.92 32.47 -23.49
C ALA A 247 14.19 33.73 -24.05
N LEU A 248 13.13 33.48 -24.85
CA LEU A 248 12.39 34.54 -25.50
C LEU A 248 11.78 35.46 -24.44
N GLN A 249 11.20 34.89 -23.39
CA GLN A 249 10.65 35.71 -22.35
C GLN A 249 11.74 36.64 -21.74
N CYS A 250 12.93 36.10 -21.49
CA CYS A 250 14.03 36.81 -20.86
C CYS A 250 14.43 37.98 -21.74
N PHE A 251 14.40 37.75 -23.07
CA PHE A 251 14.71 38.81 -23.98
C PHE A 251 13.61 39.86 -24.00
N LEU A 252 12.37 39.46 -24.15
CA LEU A 252 11.27 40.38 -24.20
C LEU A 252 11.22 41.20 -22.92
N LEU A 253 11.55 40.60 -21.78
CA LEU A 253 11.47 41.33 -20.52
C LEU A 253 12.69 42.20 -20.19
N MET A 254 13.88 41.76 -20.60
CA MET A 254 15.14 42.32 -20.11
C MET A 254 15.98 42.98 -21.19
N GLU A 255 15.75 42.77 -22.48
CA GLU A 255 16.54 43.41 -23.52
C GLU A 255 15.78 44.54 -24.19
N ASN A 256 16.26 45.78 -23.99
CA ASN A 256 15.62 47.01 -24.44
C ASN A 256 16.37 47.66 -25.60
N ASN A 257 17.48 47.09 -26.03
CA ASN A 257 18.01 47.41 -27.34
C ASN A 257 17.31 46.58 -28.42
N LYS A 258 16.76 47.29 -29.40
CA LYS A 258 15.86 46.67 -30.36
C LYS A 258 16.65 45.86 -31.38
N ASP A 259 17.79 46.38 -31.81
CA ASP A 259 18.65 45.62 -32.69
C ASP A 259 19.01 44.32 -32.00
N ARG A 260 19.42 44.37 -30.73
CA ARG A 260 19.79 43.13 -30.07
C ARG A 260 18.60 42.15 -29.92
N LEU A 261 17.47 42.74 -29.53
CA LEU A 261 16.26 41.98 -29.39
C LEU A 261 15.86 41.32 -30.72
N ALA A 262 15.76 42.05 -31.82
CA ALA A 262 15.37 41.46 -33.08
C ALA A 262 16.27 40.29 -33.43
N LYS A 263 17.55 40.41 -33.13
CA LYS A 263 18.52 39.36 -33.42
C LYS A 263 18.30 38.12 -32.57
N ALA A 264 17.94 38.33 -31.30
CA ALA A 264 17.66 37.24 -30.39
C ALA A 264 16.40 36.51 -30.82
N VAL A 265 15.35 37.25 -31.13
CA VAL A 265 14.05 36.68 -31.45
C VAL A 265 14.21 35.89 -32.72
N TYR A 266 14.99 36.45 -33.62
CA TYR A 266 15.11 35.80 -34.93
C TYR A 266 15.87 34.51 -34.73
N ARG A 267 16.92 34.56 -33.89
CA ARG A 267 17.68 33.36 -33.57
C ARG A 267 16.70 32.30 -33.05
N SER A 268 15.76 32.71 -32.18
CA SER A 268 14.82 31.76 -31.59
C SER A 268 13.84 31.11 -32.57
N MET A 269 13.40 31.89 -33.59
CA MET A 269 12.54 31.39 -34.62
C MET A 269 13.29 30.37 -35.48
N LYS A 270 14.54 30.64 -35.85
CA LYS A 270 15.29 29.65 -36.61
C LYS A 270 15.47 28.37 -35.79
N SER A 271 15.66 28.49 -34.49
CA SER A 271 15.84 27.35 -33.66
C SER A 271 14.59 26.50 -33.54
N VAL A 272 13.44 27.15 -33.28
CA VAL A 272 12.17 26.45 -33.10
C VAL A 272 11.67 25.91 -34.44
N ASP A 273 12.00 26.56 -35.55
CA ASP A 273 11.77 25.99 -36.87
C ASP A 273 12.36 24.59 -36.98
N LYS A 274 13.46 24.32 -36.31
CA LYS A 274 14.00 22.98 -36.43
C LYS A 274 13.07 21.96 -35.81
N PHE A 275 12.45 22.31 -34.69
CA PHE A 275 11.53 21.41 -34.03
C PHE A 275 10.30 21.19 -34.87
N ILE A 276 9.69 22.27 -35.35
CA ILE A 276 8.50 22.22 -36.19
C ILE A 276 8.77 21.37 -37.40
N ASN A 277 9.95 21.54 -37.99
CA ASN A 277 10.38 20.78 -39.17
C ASN A 277 10.43 19.26 -38.93
N PHE A 278 10.83 18.86 -37.73
CA PHE A 278 11.10 17.48 -37.43
C PHE A 278 9.83 16.76 -37.02
N VAL A 279 8.88 17.47 -36.46
CA VAL A 279 7.61 16.92 -36.04
C VAL A 279 6.72 16.53 -37.22
N LYS A 280 5.88 15.49 -37.07
CA LYS A 280 5.04 15.10 -38.19
C LYS A 280 3.89 16.09 -38.35
N SER A 281 3.47 16.20 -39.60
CA SER A 281 2.57 17.25 -39.97
C SER A 281 1.17 16.90 -39.49
N ASP A 282 0.90 15.58 -39.35
CA ASP A 282 -0.42 15.09 -38.96
C ASP A 282 -0.76 15.45 -37.52
N GLY A 283 0.22 15.76 -36.70
CA GLY A 283 -0.02 16.33 -35.38
C GLY A 283 0.13 15.34 -34.24
N ALA A 284 0.34 14.06 -34.59
CA ALA A 284 0.51 13.03 -33.59
C ALA A 284 1.87 13.13 -32.88
N CYS A 285 1.88 13.01 -31.56
CA CYS A 285 3.09 13.08 -30.73
C CYS A 285 3.50 11.64 -30.46
N GLU A 286 4.33 11.03 -31.32
CA GLU A 286 4.51 9.59 -31.16
C GLU A 286 5.12 9.15 -29.80
N GLU A 287 5.53 10.04 -28.89
CA GLU A 287 5.97 9.69 -27.53
C GLU A 287 4.77 9.54 -26.59
N GLY A 288 3.61 10.07 -27.02
CA GLY A 288 2.35 9.99 -26.29
C GLY A 288 2.14 11.22 -25.38
N THR A 289 1.05 11.10 -24.66
CA THR A 289 0.48 12.24 -24.04
C THR A 289 1.32 12.72 -22.84
N SER A 290 2.25 11.97 -22.28
CA SER A 290 2.92 12.51 -21.09
C SER A 290 4.09 13.42 -21.50
N TYR A 291 4.47 13.43 -22.77
CA TYR A 291 5.39 14.43 -23.29
C TYR A 291 4.63 15.64 -23.85
N TRP A 292 3.33 15.48 -24.16
CA TRP A 292 2.54 16.47 -24.86
C TRP A 292 2.63 17.86 -24.23
N GLY A 293 2.41 17.92 -22.92
CA GLY A 293 2.42 19.15 -22.17
C GLY A 293 3.68 20.00 -22.37
N HIS A 294 4.86 19.38 -22.46
CA HIS A 294 6.09 20.14 -22.56
C HIS A 294 6.68 20.05 -23.94
N ALA A 295 5.94 19.49 -24.88
CA ALA A 295 6.38 19.34 -26.21
C ALA A 295 5.52 20.25 -27.05
N ALA A 296 4.36 19.75 -27.50
CA ALA A 296 3.39 20.62 -28.17
C ALA A 296 3.03 21.82 -27.29
N GLY A 297 2.83 21.59 -26.01
CA GLY A 297 2.39 22.63 -25.10
C GLY A 297 3.44 23.73 -24.95
N LYS A 298 4.72 23.42 -25.08
CA LYS A 298 5.74 24.47 -25.02
C LYS A 298 5.99 25.10 -26.39
N LEU A 299 5.67 24.40 -27.48
CA LEU A 299 5.59 25.02 -28.80
C LEU A 299 4.47 26.06 -28.81
N TYR A 300 3.33 25.73 -28.22
CA TYR A 300 2.22 26.65 -28.01
C TYR A 300 2.69 27.86 -27.20
N ASP A 301 3.29 27.61 -26.05
CA ASP A 301 3.81 28.67 -25.21
C ASP A 301 4.71 29.60 -26.01
N TYR A 302 5.70 29.04 -26.69
CA TYR A 302 6.62 29.81 -27.53
C TYR A 302 5.90 30.70 -28.52
N LEU A 303 4.89 30.15 -29.24
CA LEU A 303 4.16 30.94 -30.25
C LEU A 303 3.25 31.98 -29.63
N GLN A 304 2.74 31.71 -28.44
CA GLN A 304 1.98 32.74 -27.76
C GLN A 304 2.83 33.95 -27.42
N ILE A 305 4.02 33.72 -26.83
CA ILE A 305 4.94 34.75 -26.39
C ILE A 305 5.42 35.54 -27.62
N LEU A 306 5.68 34.84 -28.73
CA LEU A 306 6.17 35.44 -29.94
C LEU A 306 5.06 36.30 -30.49
N SER A 307 3.81 35.83 -30.46
CA SER A 307 2.69 36.64 -30.86
C SER A 307 2.50 37.87 -29.99
N ASP A 308 2.48 37.70 -28.69
CA ASP A 308 2.34 38.86 -27.80
C ASP A 308 3.48 39.84 -28.01
N GLY A 309 4.67 39.34 -28.28
CA GLY A 309 5.84 40.20 -28.41
C GLY A 309 5.86 41.00 -29.72
N THR A 310 5.00 40.64 -30.66
CA THR A 310 4.98 41.31 -31.96
C THR A 310 3.59 41.90 -32.24
N GLY A 311 2.84 42.16 -31.15
CA GLY A 311 1.49 42.67 -31.25
C GLY A 311 0.63 41.77 -32.14
N GLY A 312 0.85 40.46 -32.14
CA GLY A 312 0.02 39.54 -32.88
C GLY A 312 0.40 39.47 -34.35
N LYS A 313 1.44 40.19 -34.77
CA LYS A 313 1.78 40.24 -36.19
C LYS A 313 2.58 39.01 -36.65
N ILE A 314 3.38 38.40 -35.76
CA ILE A 314 4.04 37.16 -36.09
C ILE A 314 3.46 36.03 -35.26
N SER A 315 2.50 35.29 -35.90
CA SER A 315 1.69 34.29 -35.21
C SER A 315 1.55 33.04 -36.07
N LEU A 316 1.84 31.87 -35.52
CA LEU A 316 1.58 30.66 -36.28
C LEU A 316 0.35 29.97 -35.75
N LEU A 317 -0.36 30.60 -34.79
CA LEU A 317 -1.42 29.96 -34.06
C LEU A 317 -2.65 29.63 -34.91
N ASN A 318 -2.79 30.22 -36.10
CA ASN A 318 -3.84 29.87 -37.03
C ASN A 318 -3.46 28.74 -37.97
N GLU A 319 -2.24 28.20 -37.86
CA GLU A 319 -1.85 27.12 -38.74
C GLU A 319 -2.52 25.81 -38.33
N PRO A 320 -3.14 25.10 -39.33
CA PRO A 320 -3.79 23.82 -39.12
C PRO A 320 -2.94 22.81 -38.37
N MET A 321 -1.62 22.77 -38.63
CA MET A 321 -0.75 21.80 -38.02
C MET A 321 -0.69 22.03 -36.51
N ILE A 322 -0.67 23.32 -36.11
CA ILE A 322 -0.59 23.62 -34.68
C ILE A 322 -1.86 23.13 -33.96
N ARG A 323 -3.01 23.19 -34.65
CA ARG A 323 -4.30 22.83 -34.11
C ARG A 323 -4.36 21.32 -33.96
N ARG A 324 -3.84 20.64 -34.95
CA ARG A 324 -3.75 19.21 -34.85
C ARG A 324 -2.83 18.75 -33.71
N MET A 325 -1.70 19.45 -33.48
CA MET A 325 -0.79 19.06 -32.40
C MET A 325 -1.51 19.17 -31.06
N GLY A 326 -2.32 20.20 -30.95
CA GLY A 326 -3.09 20.47 -29.73
C GLY A 326 -4.13 19.36 -29.53
N GLU A 327 -4.84 19.02 -30.61
CA GLU A 327 -6.02 18.16 -30.52
C GLU A 327 -5.61 16.74 -30.25
N TYR A 328 -4.39 16.38 -30.59
CA TYR A 328 -3.88 15.05 -30.29
C TYR A 328 -4.09 14.69 -28.82
N MET A 329 -4.06 15.66 -27.95
CA MET A 329 -4.18 15.40 -26.51
C MET A 329 -5.59 14.94 -26.18
N SER A 330 -6.57 15.58 -26.85
CA SER A 330 -7.99 15.27 -26.77
C SER A 330 -8.28 13.88 -27.39
N ARG A 331 -7.86 13.64 -28.62
CA ARG A 331 -8.18 12.41 -29.31
C ARG A 331 -7.57 11.20 -28.57
N SER A 332 -6.38 11.36 -27.93
CA SER A 332 -5.62 10.26 -27.37
C SER A 332 -6.11 9.93 -25.97
N TYR A 333 -6.97 10.79 -25.42
CA TYR A 333 -7.42 10.66 -24.04
C TYR A 333 -8.70 9.87 -24.02
N VAL A 334 -8.67 8.63 -23.55
CA VAL A 334 -9.88 7.81 -23.65
C VAL A 334 -10.81 8.27 -22.53
N GLY A 335 -10.38 8.30 -21.27
CA GLY A 335 -11.28 8.63 -20.19
C GLY A 335 -10.77 8.00 -18.92
N ASN A 336 -11.21 8.56 -17.79
CA ASN A 336 -10.85 8.15 -16.44
C ASN A 336 -9.36 7.85 -16.31
N GLY A 337 -8.49 8.72 -16.82
CA GLY A 337 -7.08 8.57 -16.61
C GLY A 337 -6.43 7.75 -17.71
N TRP A 338 -7.16 7.07 -18.58
CA TRP A 338 -6.59 6.11 -19.48
C TRP A 338 -6.33 6.80 -20.81
N VAL A 339 -5.17 6.52 -21.38
CA VAL A 339 -4.75 7.16 -22.61
C VAL A 339 -4.16 6.09 -23.52
N VAL A 340 -4.14 6.45 -24.81
CA VAL A 340 -3.51 5.58 -25.79
C VAL A 340 -2.02 5.60 -25.51
N ASN A 341 -1.36 4.43 -25.46
CA ASN A 341 0.03 4.30 -25.01
C ASN A 341 0.73 3.27 -25.89
N PHE A 342 0.82 3.60 -27.18
CA PHE A 342 1.79 2.95 -28.06
C PHE A 342 3.23 3.32 -27.60
N ALA A 343 4.19 2.39 -27.76
CA ALA A 343 5.57 2.74 -27.41
C ALA A 343 5.78 2.80 -25.88
N ASP A 344 6.93 3.30 -25.45
CA ASP A 344 7.31 3.25 -24.03
C ASP A 344 6.66 4.37 -23.28
N ALA A 345 5.34 4.26 -23.04
CA ALA A 345 4.45 5.33 -22.61
C ALA A 345 3.48 4.71 -21.61
N SER A 346 3.07 5.47 -20.59
CA SER A 346 2.15 4.98 -19.55
C SER A 346 0.70 4.88 -20.07
N ALA A 347 -0.05 3.82 -19.73
CA ALA A 347 -1.46 3.75 -20.07
C ALA A 347 -2.27 4.76 -19.26
N GLN A 348 -1.72 5.24 -18.11
CA GLN A 348 -2.33 6.29 -17.32
C GLN A 348 -1.74 7.63 -17.71
N GLY A 349 -2.61 8.65 -17.74
CA GLY A 349 -2.31 9.94 -18.34
C GLY A 349 -3.25 11.01 -17.83
N GLY A 350 -3.00 12.22 -18.21
CA GLY A 350 -3.79 13.34 -17.75
C GLY A 350 -3.24 14.59 -18.44
N GLY A 351 -3.53 15.77 -17.93
CA GLY A 351 -3.16 17.04 -18.55
C GLY A 351 -3.40 18.23 -17.64
N ASP A 352 -2.71 19.35 -17.88
CA ASP A 352 -3.06 20.62 -17.25
C ASP A 352 -4.29 21.21 -17.95
N PRO A 353 -5.49 21.13 -17.36
CA PRO A 353 -6.70 21.65 -18.02
C PRO A 353 -6.58 23.12 -18.42
N LEU A 354 -5.90 23.92 -17.58
CA LEU A 354 -5.81 25.32 -17.88
C LEU A 354 -4.98 25.54 -19.13
N LEU A 355 -3.85 24.87 -19.22
CA LEU A 355 -3.05 24.97 -20.42
C LEU A 355 -3.86 24.51 -21.64
N ILE A 356 -4.61 23.43 -21.51
CA ILE A 356 -5.29 22.87 -22.69
C ILE A 356 -6.34 23.84 -23.19
N TYR A 357 -6.98 24.53 -22.23
CA TYR A 357 -7.90 25.56 -22.55
C TYR A 357 -7.26 26.68 -23.38
N ARG A 358 -6.17 27.24 -22.81
CA ARG A 358 -5.50 28.39 -23.42
C ARG A 358 -5.01 27.98 -24.82
N PHE A 359 -4.50 26.76 -24.97
CA PHE A 359 -4.03 26.26 -26.25
C PHE A 359 -5.21 26.19 -27.24
N GLY A 360 -6.34 25.63 -26.81
CA GLY A 360 -7.55 25.47 -27.59
C GLY A 360 -8.14 26.82 -27.99
N LYS A 361 -8.20 27.73 -27.06
CA LYS A 361 -8.66 29.06 -27.42
C LYS A 361 -7.75 29.69 -28.47
N ALA A 362 -6.45 29.72 -28.23
CA ALA A 362 -5.48 30.30 -29.15
C ALA A 362 -5.60 29.70 -30.56
N VAL A 363 -5.87 28.42 -30.79
CA VAL A 363 -5.90 27.87 -32.16
C VAL A 363 -7.33 27.66 -32.62
N ASN A 364 -8.30 28.19 -31.83
CA ASN A 364 -9.73 28.01 -32.08
C ASN A 364 -10.23 26.57 -32.22
N SER A 365 -9.88 25.74 -31.25
CA SER A 365 -10.43 24.40 -31.15
C SER A 365 -11.48 24.43 -30.03
N ASN A 366 -12.78 24.44 -30.37
CA ASN A 366 -13.77 24.25 -29.32
C ASN A 366 -13.65 22.86 -28.68
N GLU A 367 -13.17 21.90 -29.45
CA GLU A 367 -13.02 20.60 -28.91
C GLU A 367 -12.04 20.65 -27.73
N MET A 368 -10.90 21.30 -27.93
CA MET A 368 -9.92 21.33 -26.87
C MET A 368 -10.43 22.15 -25.67
N MET A 369 -11.17 23.23 -25.89
CA MET A 369 -11.73 24.00 -24.78
C MET A 369 -12.75 23.23 -23.93
N HIS A 370 -13.74 22.58 -24.58
CA HIS A 370 -14.68 21.65 -23.94
C HIS A 370 -13.94 20.55 -23.22
N PHE A 371 -12.93 20.01 -23.84
CA PHE A 371 -12.12 18.95 -23.27
C PHE A 371 -11.46 19.42 -21.97
N ALA A 372 -10.92 20.64 -21.95
CA ALA A 372 -10.23 21.09 -20.79
C ALA A 372 -11.24 21.18 -19.68
N ALA A 373 -12.47 21.65 -19.96
CA ALA A 373 -13.48 21.71 -18.91
C ALA A 373 -13.83 20.32 -18.39
N TYR A 374 -13.80 19.31 -19.28
CA TYR A 374 -14.13 17.96 -18.88
C TYR A 374 -13.02 17.44 -17.96
N LEU A 375 -11.78 17.76 -18.28
CA LEU A 375 -10.63 17.43 -17.51
C LEU A 375 -10.58 18.07 -16.13
N LEU A 376 -11.33 19.13 -15.86
CA LEU A 376 -11.41 19.67 -14.50
C LEU A 376 -12.10 18.71 -13.53
N ASN A 377 -12.85 17.73 -14.05
CA ASN A 377 -13.54 16.79 -13.19
C ASN A 377 -14.40 17.55 -12.18
N GLY A 378 -15.07 18.60 -12.67
CA GLY A 378 -15.99 19.38 -11.89
C GLY A 378 -15.32 20.28 -10.85
N ARG A 379 -14.00 20.38 -10.79
CA ARG A 379 -13.39 21.43 -9.98
C ARG A 379 -13.42 22.77 -10.68
N LYS A 380 -13.38 23.83 -9.86
CA LYS A 380 -13.18 25.20 -10.31
C LYS A 380 -11.71 25.39 -10.60
N PRO A 381 -11.34 26.09 -11.71
CA PRO A 381 -9.93 26.26 -12.09
C PRO A 381 -9.30 27.35 -11.25
N TYR A 382 -8.19 27.09 -10.61
CA TYR A 382 -7.42 28.07 -9.88
C TYR A 382 -6.08 28.27 -10.56
N ALA A 383 -5.33 29.29 -10.11
CA ALA A 383 -4.01 29.55 -10.64
C ALA A 383 -3.14 28.31 -10.62
N THR A 384 -2.32 28.18 -11.67
CA THR A 384 -1.26 27.20 -11.73
C THR A 384 -0.12 27.64 -10.81
N MET A 385 0.28 26.78 -9.89
CA MET A 385 1.36 27.01 -8.96
C MET A 385 2.68 26.57 -9.55
N GLY A 386 3.36 25.64 -8.91
CA GLY A 386 4.64 25.15 -9.34
C GLY A 386 5.68 26.25 -9.54
N ASN A 387 6.49 26.13 -10.59
CA ASN A 387 7.65 27.01 -10.76
C ASN A 387 7.74 27.66 -12.16
N ASP A 388 6.69 27.49 -12.99
CA ASP A 388 6.70 28.00 -14.37
C ASP A 388 5.97 29.32 -14.37
N ALA A 389 6.70 30.44 -14.24
CA ALA A 389 6.13 31.80 -14.18
C ALA A 389 5.13 32.07 -15.29
N PHE A 390 5.50 31.78 -16.52
CA PHE A 390 4.63 32.07 -17.65
C PHE A 390 3.28 31.36 -17.49
N ARG A 391 3.30 30.10 -17.13
CA ARG A 391 2.06 29.35 -17.00
C ARG A 391 1.22 29.81 -15.81
N SER A 392 1.93 30.16 -14.70
CA SER A 392 1.26 30.64 -13.52
C SER A 392 0.51 31.91 -13.88
N LEU A 393 1.21 32.86 -14.56
CA LEU A 393 0.62 34.15 -14.86
C LEU A 393 -0.49 33.98 -15.90
N GLN A 394 -0.26 33.16 -16.90
CA GLN A 394 -1.24 33.05 -17.99
C GLN A 394 -2.53 32.40 -17.45
N SER A 395 -2.40 31.47 -16.44
CA SER A 395 -3.52 30.79 -15.86
C SER A 395 -4.50 31.74 -15.19
N LEU A 396 -4.03 32.89 -14.67
CA LEU A 396 -4.89 33.94 -14.15
C LEU A 396 -5.84 34.51 -15.16
N LEU A 397 -5.35 34.70 -16.38
CA LEU A 397 -6.14 35.25 -17.47
C LEU A 397 -7.22 34.26 -17.89
N CYS A 398 -7.03 32.97 -17.73
CA CYS A 398 -7.98 32.06 -18.38
C CYS A 398 -9.00 31.55 -17.38
N CYS A 399 -8.78 31.72 -16.06
CA CYS A 399 -9.64 31.02 -15.08
C CYS A 399 -11.12 31.34 -15.21
N ASN A 400 -11.48 32.60 -15.36
CA ASN A 400 -12.87 32.92 -15.40
C ASN A 400 -13.56 32.22 -16.58
N ASP A 401 -12.91 32.18 -17.73
CA ASP A 401 -13.61 31.73 -18.92
C ASP A 401 -13.73 30.22 -18.90
N LEU A 402 -12.65 29.58 -18.48
CA LEU A 402 -12.68 28.14 -18.38
C LEU A 402 -13.70 27.72 -17.34
N ALA A 403 -13.85 28.48 -16.27
CA ALA A 403 -14.84 28.16 -15.23
C ALA A 403 -16.22 28.09 -15.82
N LYS A 404 -16.49 28.84 -16.88
CA LYS A 404 -17.80 28.94 -17.50
C LYS A 404 -17.98 27.94 -18.64
N GLU A 405 -16.93 27.24 -19.07
CA GLU A 405 -17.06 26.32 -20.19
C GLU A 405 -17.81 25.06 -19.82
N THR A 406 -18.65 24.53 -20.74
CA THR A 406 -19.36 23.26 -20.58
C THR A 406 -18.41 22.10 -20.84
N PRO A 407 -18.40 21.13 -19.92
CA PRO A 407 -17.51 19.98 -19.99
C PRO A 407 -18.05 19.00 -21.00
N LYS A 408 -17.24 18.58 -21.96
CA LYS A 408 -17.65 17.68 -23.00
C LYS A 408 -16.41 17.07 -23.59
N HIS A 409 -16.40 15.73 -23.76
CA HIS A 409 -15.33 15.10 -24.51
C HIS A 409 -15.86 14.57 -25.85
N ASP A 410 -16.24 15.43 -26.79
CA ASP A 410 -16.74 14.97 -28.10
C ASP A 410 -15.61 14.93 -29.11
N MET A 411 -15.81 14.04 -30.08
CA MET A 411 -14.82 13.91 -31.15
C MET A 411 -15.34 12.96 -32.23
N PRO A 412 -14.77 13.02 -33.48
CA PRO A 412 -15.30 12.18 -34.57
C PRO A 412 -15.17 10.72 -34.14
N ASP A 413 -15.83 9.85 -34.89
CA ASP A 413 -15.75 8.44 -34.66
C ASP A 413 -14.39 7.87 -35.05
N VAL A 414 -13.74 8.54 -35.99
CA VAL A 414 -12.45 8.12 -36.48
C VAL A 414 -11.52 9.33 -36.50
N THR A 415 -10.32 9.14 -35.97
CA THR A 415 -9.20 10.02 -36.16
C THR A 415 -8.06 9.18 -36.77
N TRP A 416 -7.50 9.68 -37.87
CA TRP A 416 -6.57 8.92 -38.67
C TRP A 416 -5.37 9.81 -38.88
N TYR A 417 -4.23 9.44 -38.28
CA TYR A 417 -2.99 10.17 -38.42
C TYR A 417 -2.15 9.47 -39.48
N PRO A 418 -2.20 9.92 -40.76
CA PRO A 418 -1.70 9.11 -41.86
C PRO A 418 -0.21 8.98 -41.89
N GLU A 419 0.57 9.93 -41.36
CA GLU A 419 2.01 9.89 -41.45
C GLU A 419 2.61 9.13 -40.27
N THR A 420 2.06 9.35 -39.04
CA THR A 420 2.47 8.57 -37.89
C THR A 420 1.88 7.17 -37.98
N GLU A 421 0.76 6.98 -38.72
CA GLU A 421 0.04 5.72 -38.89
C GLU A 421 -0.63 5.24 -37.58
N PHE A 422 -1.32 6.15 -36.90
CA PHE A 422 -2.12 5.85 -35.72
C PHE A 422 -3.56 6.11 -36.09
N CYS A 423 -4.41 5.18 -35.75
CA CYS A 423 -5.81 5.25 -36.10
C CYS A 423 -6.65 5.07 -34.81
N TYR A 424 -7.54 6.00 -34.45
CA TYR A 424 -8.45 5.80 -33.34
C TYR A 424 -9.87 5.72 -33.92
N MET A 425 -10.66 4.74 -33.47
CA MET A 425 -12.01 4.51 -33.92
C MET A 425 -12.91 4.20 -32.73
N LYS A 426 -14.04 4.86 -32.67
CA LYS A 426 -14.97 4.65 -31.57
C LYS A 426 -16.42 4.54 -32.05
N ASN A 427 -17.26 3.99 -31.16
CA ASN A 427 -18.66 3.79 -31.44
C ASN A 427 -19.40 4.40 -30.30
N LYS A 428 -20.70 4.55 -30.49
CA LYS A 428 -21.50 5.26 -29.51
C LYS A 428 -21.89 4.42 -28.30
N ASN A 429 -21.54 3.13 -28.22
CA ASN A 429 -21.88 2.26 -27.11
C ASN A 429 -20.64 1.97 -26.28
N GLY A 430 -19.61 2.81 -26.36
CA GLY A 430 -18.56 2.83 -25.36
C GLY A 430 -17.26 2.17 -25.84
N MET A 431 -17.18 1.67 -27.10
CA MET A 431 -15.95 1.06 -27.57
C MET A 431 -15.02 2.10 -28.21
N PHE A 432 -13.73 1.99 -27.78
CA PHE A 432 -12.63 2.77 -28.34
C PHE A 432 -11.52 1.82 -28.76
N VAL A 433 -11.15 1.83 -30.03
CA VAL A 433 -10.02 1.08 -30.53
C VAL A 433 -8.96 2.03 -31.06
N ALA A 434 -7.73 1.78 -30.61
CA ALA A 434 -6.51 2.38 -31.14
C ALA A 434 -5.66 1.30 -31.85
N ALA A 435 -5.16 1.63 -33.03
CA ALA A 435 -4.39 0.71 -33.83
C ALA A 435 -3.28 1.49 -34.52
N LYS A 436 -2.26 0.80 -35.02
CA LYS A 436 -1.15 1.45 -35.65
C LYS A 436 -0.61 0.54 -36.74
N GLY A 437 0.00 1.22 -37.71
CA GLY A 437 0.91 0.60 -38.66
C GLY A 437 2.33 0.84 -38.14
N GLY A 438 3.08 1.65 -38.91
CA GLY A 438 4.36 2.20 -38.52
C GLY A 438 5.57 1.29 -38.84
N PHE A 439 6.64 1.45 -38.04
CA PHE A 439 7.94 0.86 -38.28
C PHE A 439 8.59 0.70 -36.92
N ASN A 440 9.49 -0.29 -36.81
CA ASN A 440 10.08 -0.69 -35.55
C ASN A 440 11.32 0.13 -35.26
N ASN A 441 11.19 1.46 -35.34
CA ASN A 441 12.23 2.36 -34.92
C ASN A 441 11.64 3.72 -34.61
N GLU A 442 10.44 3.77 -33.98
CA GLU A 442 9.84 5.03 -33.58
C GLU A 442 10.52 5.49 -32.29
N SER A 443 10.30 6.73 -31.84
CA SER A 443 10.76 7.09 -30.52
C SER A 443 10.14 6.13 -29.50
N HIS A 444 11.00 5.72 -28.57
CA HIS A 444 10.56 4.94 -27.43
C HIS A 444 9.94 3.67 -27.97
N ASN A 445 10.50 3.12 -29.07
CA ASN A 445 9.85 2.11 -29.88
C ASN A 445 9.48 0.91 -29.04
N HIS A 446 8.26 0.38 -29.31
CA HIS A 446 7.95 -1.00 -29.06
C HIS A 446 7.81 -1.65 -30.42
N ASN A 447 8.13 -2.92 -30.49
CA ASN A 447 7.94 -3.66 -31.72
C ASN A 447 6.47 -4.05 -31.79
N ASP A 448 5.71 -3.19 -32.45
CA ASP A 448 4.25 -3.22 -32.32
C ASP A 448 3.54 -2.83 -33.64
N VAL A 449 4.16 -3.12 -34.77
CA VAL A 449 3.55 -2.80 -36.04
C VAL A 449 2.28 -3.61 -36.07
N GLY A 450 1.12 -2.97 -36.31
CA GLY A 450 -0.10 -3.71 -36.53
C GLY A 450 -0.98 -3.86 -35.29
N THR A 451 -0.49 -3.40 -34.12
CA THR A 451 -1.12 -3.77 -32.86
C THR A 451 -2.39 -2.96 -32.72
N PHE A 452 -3.14 -3.37 -31.66
CA PHE A 452 -4.32 -2.59 -31.32
C PHE A 452 -4.54 -2.69 -29.84
N SER A 453 -5.39 -1.76 -29.39
CA SER A 453 -5.79 -1.63 -28.00
C SER A 453 -7.28 -1.40 -28.00
N LEU A 454 -7.99 -2.07 -27.07
CA LEU A 454 -9.41 -1.88 -26.97
C LEU A 454 -9.81 -1.42 -25.57
N TYR A 455 -10.70 -0.43 -25.53
CA TYR A 455 -11.21 0.10 -24.28
C TYR A 455 -12.71 0.03 -24.40
N VAL A 456 -13.33 -0.22 -23.24
CA VAL A 456 -14.78 -0.30 -23.12
C VAL A 456 -15.19 0.61 -21.96
N ASN A 457 -15.99 1.63 -22.29
CA ASN A 457 -16.36 2.68 -21.35
C ASN A 457 -15.09 3.23 -20.67
N THR A 458 -14.05 3.49 -21.47
CA THR A 458 -12.74 4.02 -21.06
C THR A 458 -11.82 2.96 -20.41
N ILE A 459 -12.33 1.80 -19.99
CA ILE A 459 -11.48 0.84 -19.34
C ILE A 459 -10.75 -0.04 -20.36
N PRO A 460 -9.42 -0.19 -20.23
CA PRO A 460 -8.69 -1.15 -21.03
C PRO A 460 -9.22 -2.57 -20.87
N VAL A 461 -9.35 -3.24 -22.01
CA VAL A 461 -9.81 -4.61 -22.02
C VAL A 461 -8.83 -5.49 -22.80
N ILE A 462 -8.39 -5.03 -23.96
CA ILE A 462 -7.22 -5.58 -24.58
C ILE A 462 -6.16 -4.49 -24.50
N LEU A 463 -5.07 -4.75 -23.76
CA LEU A 463 -4.23 -3.66 -23.32
C LEU A 463 -2.84 -3.64 -23.99
N ASP A 464 -2.19 -2.49 -23.78
CA ASP A 464 -0.80 -2.33 -24.15
C ASP A 464 -0.07 -2.01 -22.85
N ALA A 465 0.89 -2.86 -22.50
CA ALA A 465 1.49 -2.81 -21.17
C ALA A 465 2.10 -1.45 -20.82
N GLY A 466 2.89 -0.96 -21.76
CA GLY A 466 3.47 0.36 -21.61
C GLY A 466 4.84 0.32 -20.92
N VAL A 467 5.09 1.36 -20.08
CA VAL A 467 6.42 1.71 -19.74
C VAL A 467 6.77 1.04 -18.41
N GLY A 468 7.93 0.40 -18.41
CA GLY A 468 8.60 -0.12 -17.22
C GLY A 468 9.67 0.80 -16.61
N THR A 469 10.19 0.41 -15.44
CA THR A 469 11.36 1.09 -14.90
C THR A 469 12.57 0.86 -15.84
N TYR A 470 13.35 1.93 -16.10
CA TYR A 470 14.57 1.82 -16.88
C TYR A 470 15.60 0.90 -16.20
N THR A 471 16.25 0.05 -17.02
CA THR A 471 17.37 -0.81 -16.70
C THR A 471 18.56 -0.45 -17.61
N LYS A 472 19.68 -1.11 -17.47
CA LYS A 472 20.73 -0.94 -18.46
C LYS A 472 20.37 -1.62 -19.78
N GLN A 473 19.51 -2.63 -19.79
CA GLN A 473 19.15 -3.24 -21.05
C GLN A 473 18.17 -2.39 -21.89
N THR A 474 17.64 -1.28 -21.38
CA THR A 474 16.50 -0.54 -21.95
C THR A 474 16.88 0.14 -23.24
N PHE A 475 18.08 0.70 -23.30
CA PHE A 475 18.71 1.21 -24.50
C PHE A 475 19.79 0.23 -24.91
N GLY A 476 20.06 0.08 -26.18
CA GLY A 476 21.20 -0.73 -26.55
C GLY A 476 20.65 -1.98 -27.15
N LYS A 477 21.49 -2.92 -27.57
CA LYS A 477 21.02 -4.24 -27.90
C LYS A 477 20.42 -4.75 -26.60
N ASP A 478 19.67 -5.81 -26.68
CA ASP A 478 19.05 -6.23 -25.43
C ASP A 478 17.83 -5.38 -25.04
N ARG A 479 17.60 -4.17 -25.61
CA ARG A 479 16.31 -3.51 -25.44
C ARG A 479 15.12 -4.47 -25.61
N TYR A 480 15.20 -5.31 -26.65
CA TYR A 480 14.11 -6.16 -27.04
C TYR A 480 14.18 -7.51 -26.33
N THR A 481 15.06 -7.63 -25.33
CA THR A 481 14.96 -8.71 -24.39
C THR A 481 13.98 -8.34 -23.29
N ILE A 482 13.56 -7.07 -23.16
CA ILE A 482 12.59 -6.72 -22.14
C ILE A 482 11.18 -6.98 -22.69
N TRP A 483 10.34 -7.69 -21.93
CA TRP A 483 9.12 -8.27 -22.49
C TRP A 483 8.11 -7.21 -22.99
N THR A 484 8.09 -6.05 -22.35
CA THR A 484 7.12 -5.03 -22.69
C THR A 484 7.41 -4.39 -24.05
N MET A 485 8.58 -4.70 -24.64
CA MET A 485 8.98 -4.11 -25.89
C MET A 485 8.81 -5.08 -26.99
N GLN A 486 8.55 -6.34 -26.67
CA GLN A 486 8.44 -7.36 -27.69
C GLN A 486 7.05 -7.40 -28.30
N SER A 487 7.00 -7.76 -29.58
CA SER A 487 5.75 -8.02 -30.26
C SER A 487 5.03 -9.21 -29.66
N ASN A 488 5.79 -10.13 -29.09
CA ASN A 488 5.22 -11.26 -28.34
C ASN A 488 4.20 -10.85 -27.26
N TYR A 489 4.37 -9.63 -26.68
CA TYR A 489 3.53 -9.13 -25.61
C TYR A 489 2.78 -7.89 -26.06
N HIS A 490 2.52 -7.86 -27.38
CA HIS A 490 1.53 -6.99 -27.93
C HIS A 490 0.48 -7.84 -28.61
N ASN A 491 -0.57 -7.20 -29.18
CA ASN A 491 -1.79 -7.91 -29.60
C ASN A 491 -1.59 -8.25 -31.09
N LEU A 492 -0.78 -9.29 -31.31
CA LEU A 492 -0.17 -9.57 -32.58
C LEU A 492 0.06 -11.07 -32.72
N PRO A 493 0.27 -11.51 -33.97
CA PRO A 493 0.83 -12.82 -34.21
C PRO A 493 2.34 -12.99 -34.09
N MET A 494 2.70 -14.24 -33.80
CA MET A 494 4.04 -14.81 -34.02
C MET A 494 3.97 -15.71 -35.25
N ILE A 495 4.51 -15.22 -36.36
CA ILE A 495 4.24 -15.81 -37.66
C ILE A 495 5.21 -16.96 -37.81
N ASN A 496 4.73 -18.21 -38.06
CA ASN A 496 5.62 -19.34 -38.06
C ASN A 496 6.40 -19.30 -36.73
N GLY A 497 5.73 -18.85 -35.63
CA GLY A 497 6.31 -18.86 -34.30
C GLY A 497 7.36 -17.79 -34.13
N ILE A 498 7.52 -16.86 -35.09
CA ILE A 498 8.56 -15.82 -34.97
C ILE A 498 7.97 -14.43 -34.76
N PRO A 499 8.52 -13.62 -33.84
CA PRO A 499 8.08 -12.26 -33.52
C PRO A 499 8.70 -11.23 -34.44
N GLN A 500 8.31 -9.98 -34.24
CA GLN A 500 8.73 -8.88 -35.06
C GLN A 500 10.15 -8.54 -34.69
N LYS A 501 10.88 -7.90 -35.63
CA LYS A 501 12.26 -7.50 -35.36
C LYS A 501 12.39 -5.99 -35.29
N TYR A 502 13.28 -5.51 -34.40
CA TYR A 502 13.65 -4.13 -34.28
C TYR A 502 14.36 -3.60 -35.54
N GLY A 503 14.15 -2.31 -35.88
CA GLY A 503 14.75 -1.79 -37.11
C GLY A 503 13.82 -0.95 -37.99
N GLN A 504 14.40 0.12 -38.52
CA GLN A 504 13.85 1.10 -39.44
C GLN A 504 13.02 0.45 -40.53
N GLU A 505 13.49 -0.62 -41.16
CA GLU A 505 12.76 -1.16 -42.32
C GLU A 505 11.94 -2.39 -41.98
N TYR A 506 11.85 -2.76 -40.68
CA TYR A 506 10.76 -3.62 -40.24
C TYR A 506 9.52 -2.76 -40.05
N LYS A 507 8.59 -2.84 -41.00
CA LYS A 507 7.53 -1.85 -41.09
C LYS A 507 6.23 -2.37 -41.68
N ALA A 508 5.16 -1.62 -41.47
CA ALA A 508 3.89 -1.83 -42.17
C ALA A 508 4.01 -1.44 -43.65
N THR A 509 3.19 -2.00 -44.50
CA THR A 509 2.99 -1.52 -45.85
C THR A 509 1.49 -1.53 -46.13
N ASN A 510 1.08 -0.61 -47.03
CA ASN A 510 -0.28 -0.52 -47.55
C ASN A 510 -1.26 -0.33 -46.41
N THR A 511 -0.91 0.51 -45.45
CA THR A 511 -1.83 0.84 -44.40
C THR A 511 -2.91 1.77 -44.95
N THR A 512 -4.17 1.33 -44.85
CA THR A 512 -5.32 2.16 -45.07
C THR A 512 -6.19 2.31 -43.83
N CYS A 513 -6.89 3.44 -43.81
CA CYS A 513 -8.02 3.66 -42.92
C CYS A 513 -9.21 4.17 -43.72
N ASN A 514 -10.28 3.38 -43.79
CA ASN A 514 -11.54 3.87 -44.32
C ASN A 514 -12.35 4.42 -43.14
N GLU A 515 -12.40 5.75 -43.08
CA GLU A 515 -12.98 6.51 -41.99
C GLU A 515 -14.49 6.30 -41.91
N LYS A 516 -15.15 6.11 -43.05
CA LYS A 516 -16.59 5.97 -43.09
C LYS A 516 -16.99 4.62 -42.56
N LYS A 517 -16.29 3.56 -42.90
CA LYS A 517 -16.71 2.23 -42.51
C LYS A 517 -16.03 1.83 -41.20
N ARG A 518 -15.10 2.64 -40.68
CA ARG A 518 -14.28 2.30 -39.49
C ARG A 518 -13.51 1.01 -39.75
N VAL A 519 -12.75 1.01 -40.84
CA VAL A 519 -11.86 -0.08 -41.18
C VAL A 519 -10.42 0.44 -41.26
N PHE A 520 -9.60 -0.21 -40.44
CA PHE A 520 -8.18 -0.08 -40.49
C PHE A 520 -7.61 -1.41 -40.98
N SER A 521 -6.56 -1.33 -41.79
CA SER A 521 -5.99 -2.50 -42.42
C SER A 521 -4.53 -2.22 -42.75
N THR A 522 -3.65 -3.19 -42.60
CA THR A 522 -2.23 -2.99 -42.86
C THR A 522 -1.56 -4.34 -43.13
N ASP A 523 -0.50 -4.33 -43.95
CA ASP A 523 0.24 -5.57 -44.19
C ASP A 523 1.45 -5.52 -43.27
N ILE A 524 1.57 -6.52 -42.35
CA ILE A 524 2.59 -6.46 -41.30
C ILE A 524 3.80 -7.34 -41.63
N ALA A 525 3.84 -7.95 -42.84
CA ALA A 525 4.80 -8.98 -43.14
C ALA A 525 6.23 -8.48 -42.99
N ALA A 526 6.48 -7.25 -43.39
CA ALA A 526 7.83 -6.70 -43.47
C ALA A 526 8.35 -6.30 -42.10
N ALA A 527 7.49 -6.39 -41.05
CA ALA A 527 7.93 -6.10 -39.69
C ALA A 527 8.57 -7.36 -39.10
N TYR A 528 8.39 -8.51 -39.77
CA TYR A 528 8.93 -9.79 -39.28
C TYR A 528 10.23 -10.13 -40.02
N PRO A 529 11.18 -10.88 -39.42
CA PRO A 529 12.43 -11.21 -40.14
C PRO A 529 12.27 -12.33 -41.15
N SER A 530 13.35 -12.64 -41.89
CA SER A 530 13.37 -13.66 -42.94
C SER A 530 13.04 -15.04 -42.38
N GLU A 531 13.45 -15.29 -41.13
CA GLU A 531 13.17 -16.58 -40.52
C GLU A 531 11.66 -16.81 -40.47
N ALA A 532 10.84 -15.73 -40.41
CA ALA A 532 9.39 -15.79 -40.32
C ALA A 532 8.75 -16.27 -41.62
N LYS A 533 9.51 -16.10 -42.71
CA LYS A 533 9.25 -16.72 -44.00
C LYS A 533 7.82 -16.43 -44.41
N VAL A 534 7.46 -15.15 -44.38
CA VAL A 534 6.11 -14.73 -44.66
C VAL A 534 6.14 -13.79 -45.87
N LYS A 535 5.22 -13.96 -46.83
CA LYS A 535 5.07 -13.06 -47.98
C LYS A 535 4.18 -11.88 -47.63
N ASN A 536 2.97 -12.18 -47.17
CA ASN A 536 2.04 -11.15 -46.74
C ASN A 536 1.31 -11.65 -45.51
N TRP A 537 0.89 -10.68 -44.68
CA TRP A 537 0.00 -10.89 -43.55
C TRP A 537 -0.80 -9.60 -43.32
N ILE A 538 -2.07 -9.66 -43.69
CA ILE A 538 -2.94 -8.50 -43.59
C ILE A 538 -3.69 -8.61 -42.28
N ARG A 539 -3.47 -7.60 -41.42
CA ARG A 539 -4.11 -7.52 -40.10
C ARG A 539 -5.13 -6.41 -40.20
N SER A 540 -6.39 -6.72 -39.96
CA SER A 540 -7.40 -5.71 -40.17
C SER A 540 -8.35 -5.61 -38.97
N TYR A 541 -8.74 -4.36 -38.67
CA TYR A 541 -9.67 -4.04 -37.61
C TYR A 541 -10.92 -3.37 -38.15
N THR A 542 -12.11 -3.92 -37.89
CA THR A 542 -13.39 -3.29 -38.25
C THR A 542 -14.26 -3.03 -37.02
N LEU A 543 -14.70 -1.78 -36.88
CA LEU A 543 -15.48 -1.49 -35.68
C LEU A 543 -16.90 -1.12 -36.09
N ASP A 544 -17.87 -1.90 -35.66
CA ASP A 544 -19.24 -1.45 -35.89
C ASP A 544 -19.81 -0.94 -34.57
N ASP A 545 -21.15 -0.82 -34.50
CA ASP A 545 -21.80 -0.22 -33.38
C ASP A 545 -21.70 -1.11 -32.14
N ARG A 546 -21.52 -2.39 -32.27
CA ARG A 546 -21.45 -3.24 -31.08
C ARG A 546 -20.13 -3.99 -30.95
N LYS A 547 -19.40 -4.17 -32.03
CA LYS A 547 -18.33 -5.14 -31.92
C LYS A 547 -17.12 -4.79 -32.79
N LEU A 548 -15.96 -5.27 -32.31
CA LEU A 548 -14.72 -5.20 -33.05
C LEU A 548 -14.42 -6.58 -33.66
N THR A 549 -14.19 -6.60 -34.96
CA THR A 549 -13.76 -7.79 -35.64
C THR A 549 -12.33 -7.59 -36.05
N ILE A 550 -11.47 -8.51 -35.62
CA ILE A 550 -10.08 -8.60 -36.02
C ILE A 550 -9.95 -9.74 -37.01
N THR A 551 -9.34 -9.48 -38.16
CA THR A 551 -9.04 -10.52 -39.14
C THR A 551 -7.54 -10.56 -39.44
N ASP A 552 -7.09 -11.78 -39.73
CA ASP A 552 -5.74 -12.03 -40.19
C ASP A 552 -5.89 -12.79 -41.50
N SER A 553 -5.21 -12.33 -42.53
CA SER A 553 -5.18 -13.05 -43.79
C SER A 553 -3.73 -13.11 -44.34
N TYR A 554 -3.18 -14.33 -44.39
CA TYR A 554 -1.75 -14.50 -44.54
C TYR A 554 -1.34 -15.43 -45.70
N THR A 555 -0.15 -15.12 -46.26
CA THR A 555 0.52 -16.03 -47.16
C THR A 555 1.99 -16.15 -46.79
N LEU A 556 2.42 -17.41 -46.61
CA LEU A 556 3.80 -17.72 -46.20
C LEU A 556 4.65 -18.10 -47.42
N GLU A 557 5.97 -18.02 -47.29
CA GLU A 557 6.88 -18.68 -48.22
C GLU A 557 6.89 -20.15 -47.88
N GLU A 558 7.12 -20.47 -46.61
CA GLU A 558 7.00 -21.84 -46.15
C GLU A 558 6.39 -21.94 -44.75
N ALA A 559 5.42 -22.87 -44.67
CA ALA A 559 4.84 -23.31 -43.40
C ALA A 559 5.90 -24.13 -42.67
N VAL A 560 6.55 -23.53 -41.69
CA VAL A 560 7.64 -24.14 -40.94
C VAL A 560 7.20 -24.47 -39.51
N ALA A 561 6.50 -23.52 -38.83
CA ALA A 561 5.98 -23.69 -37.49
C ALA A 561 4.51 -23.25 -37.47
N PRO A 562 3.68 -23.74 -36.53
CA PRO A 562 2.37 -23.14 -36.29
C PRO A 562 2.49 -21.66 -35.94
N ASN A 563 1.52 -20.90 -36.46
CA ASN A 563 1.43 -19.53 -36.03
C ASN A 563 0.80 -19.50 -34.63
N GLN A 564 1.14 -18.46 -33.89
CA GLN A 564 0.52 -18.24 -32.60
C GLN A 564 -0.03 -16.81 -32.57
N VAL A 565 -1.21 -16.61 -31.95
CA VAL A 565 -1.78 -15.29 -31.82
C VAL A 565 -1.94 -14.95 -30.35
N ASN A 566 -1.48 -13.75 -29.96
CA ASN A 566 -1.49 -13.33 -28.56
C ASN A 566 -2.43 -12.12 -28.34
N PHE A 567 -3.08 -12.07 -27.18
CA PHE A 567 -3.81 -10.90 -26.73
C PHE A 567 -3.48 -10.57 -25.26
N MET A 568 -3.33 -9.31 -24.88
CA MET A 568 -2.93 -8.93 -23.53
C MET A 568 -4.13 -8.31 -22.80
N THR A 569 -4.32 -8.70 -21.53
CA THR A 569 -5.54 -8.30 -20.84
C THR A 569 -5.34 -8.38 -19.33
N TRP A 570 -6.41 -8.13 -18.60
CA TRP A 570 -6.39 -8.10 -17.13
C TRP A 570 -7.80 -8.27 -16.60
N GLY A 571 -7.88 -8.35 -15.28
CA GLY A 571 -9.11 -8.59 -14.53
C GLY A 571 -9.38 -10.07 -14.38
N ASN A 572 -10.64 -10.45 -14.46
CA ASN A 572 -11.05 -11.83 -14.37
C ASN A 572 -11.41 -12.42 -15.75
N VAL A 573 -10.55 -13.37 -16.17
CA VAL A 573 -10.58 -14.01 -17.46
C VAL A 573 -11.13 -15.42 -17.28
N THR A 574 -12.15 -15.79 -18.07
CA THR A 574 -12.76 -17.12 -17.98
C THR A 574 -13.02 -17.68 -19.38
N PHE A 575 -13.14 -19.02 -19.40
CA PHE A 575 -13.10 -19.76 -20.67
C PHE A 575 -14.33 -20.66 -20.70
N PRO A 576 -15.56 -20.12 -20.89
CA PRO A 576 -16.76 -20.91 -20.67
C PRO A 576 -17.07 -22.02 -21.68
N SER A 577 -16.32 -22.12 -22.80
CA SER A 577 -16.41 -23.15 -23.85
C SER A 577 -15.31 -22.86 -24.88
N GLN A 578 -14.97 -23.83 -25.74
CA GLN A 578 -14.20 -23.55 -26.95
C GLN A 578 -15.01 -22.65 -27.87
N GLY A 579 -14.48 -21.72 -28.70
CA GLY A 579 -13.42 -20.76 -28.53
C GLY A 579 -14.09 -19.44 -28.09
N LYS A 580 -14.40 -19.39 -26.78
CA LYS A 580 -14.93 -18.20 -26.11
C LYS A 580 -14.03 -17.90 -24.92
N ILE A 581 -13.67 -16.63 -24.77
CA ILE A 581 -13.01 -16.08 -23.58
C ILE A 581 -13.91 -14.94 -23.12
N GLN A 582 -14.10 -14.88 -21.81
CA GLN A 582 -14.74 -13.72 -21.22
C GLN A 582 -13.75 -12.97 -20.34
N ILE A 583 -13.81 -11.65 -20.45
CA ILE A 583 -12.98 -10.74 -19.68
C ILE A 583 -13.96 -9.81 -18.96
N GLU A 584 -13.82 -9.75 -17.63
CA GLU A 584 -14.59 -8.84 -16.80
C GLU A 584 -13.60 -7.96 -16.03
N VAL A 585 -13.70 -6.65 -16.19
CA VAL A 585 -12.75 -5.81 -15.46
C VAL A 585 -13.33 -4.44 -15.21
N LYS A 586 -13.15 -3.99 -13.97
CA LYS A 586 -13.65 -2.71 -13.47
C LYS A 586 -15.10 -2.43 -13.92
N GLY A 587 -16.01 -3.35 -13.72
CA GLY A 587 -17.38 -3.15 -14.11
C GLY A 587 -17.70 -3.53 -15.56
N GLN A 588 -16.72 -3.71 -16.43
CA GLN A 588 -17.05 -3.94 -17.82
C GLN A 588 -16.89 -5.40 -18.13
N LYS A 589 -17.65 -5.90 -19.10
CA LYS A 589 -17.55 -7.29 -19.47
C LYS A 589 -17.59 -7.48 -21.00
N VAL A 590 -16.68 -8.29 -21.55
CA VAL A 590 -16.61 -8.58 -22.97
C VAL A 590 -16.51 -10.10 -23.20
N GLU A 591 -16.83 -10.50 -24.43
CA GLU A 591 -16.55 -11.83 -24.89
C GLU A 591 -15.64 -11.75 -26.09
N LEU A 592 -14.57 -12.58 -26.08
CA LEU A 592 -13.67 -12.72 -27.22
C LEU A 592 -13.92 -14.05 -27.93
N ASP A 593 -14.40 -14.02 -29.20
CA ASP A 593 -14.74 -15.22 -29.98
C ASP A 593 -13.51 -15.53 -30.84
N TYR A 594 -12.95 -16.75 -30.77
CA TYR A 594 -11.72 -17.06 -31.51
C TYR A 594 -11.91 -18.36 -32.27
N PRO A 595 -11.18 -18.60 -33.39
CA PRO A 595 -11.29 -19.85 -34.19
C PRO A 595 -10.92 -21.12 -33.42
N THR A 596 -11.69 -22.22 -33.59
CA THR A 596 -11.67 -23.33 -32.62
C THR A 596 -10.47 -24.23 -32.88
N LEU A 597 -9.91 -24.21 -34.09
CA LEU A 597 -8.56 -24.74 -34.29
C LEU A 597 -7.55 -24.27 -33.23
N PHE A 598 -7.85 -23.22 -32.45
CA PHE A 598 -6.87 -22.69 -31.50
C PHE A 598 -7.18 -23.26 -30.11
N LYS A 599 -6.10 -23.62 -29.40
CA LYS A 599 -6.10 -23.89 -27.97
C LYS A 599 -5.66 -22.64 -27.19
N ALA A 600 -6.50 -22.22 -26.23
CA ALA A 600 -6.34 -20.94 -25.54
C ALA A 600 -5.73 -21.21 -24.20
N GLU A 601 -4.66 -20.51 -23.83
CA GLU A 601 -4.12 -20.61 -22.49
C GLU A 601 -3.90 -19.21 -21.90
N LEU A 602 -3.80 -19.12 -20.58
CA LEU A 602 -3.68 -17.83 -19.93
C LEU A 602 -2.40 -17.81 -19.20
N GLU A 603 -1.48 -16.92 -19.49
CA GLU A 603 -0.31 -16.88 -18.64
C GLU A 603 -0.35 -15.61 -17.79
N THR A 604 -0.12 -15.80 -16.49
CA THR A 604 -0.04 -14.75 -15.48
C THR A 604 1.27 -14.02 -15.67
N ILE A 605 1.26 -12.72 -15.56
CA ILE A 605 2.46 -11.92 -15.52
C ILE A 605 2.37 -11.06 -14.26
N GLN A 606 2.99 -11.59 -13.19
CA GLN A 606 3.12 -10.98 -11.89
C GLN A 606 3.97 -9.74 -12.08
N LEU A 607 3.47 -8.58 -11.66
CA LEU A 607 4.21 -7.37 -11.97
C LEU A 607 5.02 -6.96 -10.74
N ASP A 608 6.36 -7.18 -10.77
CA ASP A 608 7.36 -6.75 -9.78
C ASP A 608 7.68 -5.27 -9.88
N ASP A 609 7.62 -4.72 -11.10
CA ASP A 609 8.05 -3.36 -11.37
C ASP A 609 6.99 -2.37 -10.91
N PRO A 610 7.29 -1.43 -10.02
CA PRO A 610 6.28 -0.48 -9.58
C PRO A 610 5.69 0.42 -10.66
N ARG A 611 6.50 0.80 -11.64
CA ARG A 611 6.01 1.65 -12.69
C ARG A 611 4.86 1.00 -13.47
N LEU A 612 4.85 -0.34 -13.51
CA LEU A 612 3.73 -1.05 -14.10
C LEU A 612 2.68 -1.37 -13.05
N SER A 613 3.04 -1.90 -11.90
CA SER A 613 2.02 -2.36 -10.96
C SER A 613 1.22 -1.17 -10.46
N ASN A 614 1.74 0.06 -10.57
CA ASN A 614 1.01 1.24 -10.16
C ASN A 614 -0.09 1.56 -11.15
N VAL A 615 0.00 1.00 -12.36
CA VAL A 615 -1.08 1.21 -13.33
C VAL A 615 -2.01 0.01 -13.32
N TRP A 616 -1.47 -1.22 -13.33
CA TRP A 616 -2.27 -2.36 -13.66
C TRP A 616 -2.62 -3.16 -12.42
N GLY A 617 -1.94 -2.93 -11.30
CA GLY A 617 -2.07 -3.75 -10.10
C GLY A 617 -1.06 -4.90 -10.14
N LYS A 618 -1.37 -5.98 -9.44
CA LYS A 618 -0.42 -7.04 -9.17
C LYS A 618 0.02 -7.85 -10.39
N GLU A 619 -0.85 -7.93 -11.45
CA GLU A 619 -0.69 -8.93 -12.49
C GLU A 619 -1.56 -8.64 -13.69
N ILE A 620 -1.05 -9.06 -14.86
CA ILE A 620 -1.80 -8.98 -16.10
C ILE A 620 -1.58 -10.31 -16.80
N TYR A 621 -2.28 -10.53 -17.90
CA TYR A 621 -2.31 -11.83 -18.54
C TYR A 621 -1.99 -11.70 -20.01
N ARG A 622 -1.32 -12.71 -20.57
CA ARG A 622 -1.27 -12.88 -22.01
C ARG A 622 -2.10 -14.11 -22.32
N ILE A 623 -3.13 -13.91 -23.17
CA ILE A 623 -3.83 -15.01 -23.76
C ILE A 623 -3.06 -15.45 -24.98
N THR A 624 -2.58 -16.70 -24.96
CA THR A 624 -1.85 -17.31 -26.06
C THR A 624 -2.80 -18.26 -26.84
N LEU A 625 -2.77 -18.19 -28.17
CA LEU A 625 -3.58 -19.10 -28.96
C LEU A 625 -2.65 -19.87 -29.88
N LYS A 626 -2.69 -21.18 -29.74
CA LYS A 626 -1.71 -22.04 -30.37
C LYS A 626 -2.44 -23.13 -31.10
N THR A 627 -1.79 -23.60 -32.15
CA THR A 627 -2.37 -24.59 -33.04
C THR A 627 -1.26 -25.58 -33.39
N ASN A 628 -1.72 -26.76 -33.80
CA ASN A 628 -0.86 -27.73 -34.49
C ASN A 628 -0.92 -27.54 -36.02
N GLU A 629 -1.89 -26.80 -36.55
CA GLU A 629 -1.99 -26.67 -37.99
C GLU A 629 -0.85 -25.83 -38.57
N LYS A 630 -0.51 -26.15 -39.81
CA LYS A 630 0.55 -25.50 -40.54
C LYS A 630 0.23 -25.53 -42.03
N LYS A 631 0.11 -24.36 -42.65
CA LYS A 631 -0.28 -24.25 -44.05
C LYS A 631 0.34 -22.95 -44.58
N GLU A 632 0.33 -22.78 -45.92
CA GLU A 632 1.00 -21.65 -46.52
C GLU A 632 0.09 -20.43 -46.56
N THR A 633 -1.22 -20.69 -46.49
CA THR A 633 -2.29 -19.73 -46.68
C THR A 633 -3.29 -19.94 -45.57
N GLY A 634 -3.81 -18.85 -45.05
CA GLY A 634 -4.86 -19.00 -44.08
C GLY A 634 -5.48 -17.65 -43.76
N ASN A 635 -6.65 -17.72 -43.09
CA ASN A 635 -7.20 -16.55 -42.43
C ASN A 635 -7.82 -16.90 -41.06
N TYR A 636 -7.80 -15.93 -40.12
CA TYR A 636 -8.40 -16.04 -38.80
C TYR A 636 -9.33 -14.86 -38.64
N LYS A 637 -10.45 -15.10 -37.94
CA LYS A 637 -11.38 -14.05 -37.58
C LYS A 637 -11.49 -14.06 -36.07
N PHE A 638 -11.45 -12.90 -35.39
CA PHE A 638 -11.80 -12.84 -33.97
C PHE A 638 -12.79 -11.74 -33.75
N VAL A 639 -13.66 -11.91 -32.76
CA VAL A 639 -14.75 -10.96 -32.55
C VAL A 639 -14.83 -10.62 -31.07
N ILE A 640 -14.95 -9.32 -30.75
CA ILE A 640 -15.09 -8.87 -29.37
C ILE A 640 -16.28 -7.96 -29.23
N GLN A 641 -17.17 -8.34 -28.29
CA GLN A 641 -18.37 -7.55 -28.01
C GLN A 641 -18.66 -7.51 -26.52
N GLN A 642 -19.41 -6.54 -26.06
CA GLN A 642 -19.84 -6.45 -24.66
C GLN A 642 -20.89 -7.52 -24.31
N ILE A 643 -21.03 -7.96 -23.04
CA ILE A 643 -22.06 -8.92 -22.68
C ILE A 643 -22.77 -8.66 -21.34
N GLU B 28 17.34 -11.05 25.31
CA GLU B 28 17.88 -10.27 26.45
C GLU B 28 17.98 -8.74 26.25
N ARG B 29 16.86 -8.07 25.94
CA ARG B 29 16.86 -6.63 25.67
C ARG B 29 16.73 -5.85 26.98
N ASP B 30 16.00 -6.37 27.98
CA ASP B 30 15.79 -5.66 29.25
C ASP B 30 15.28 -4.22 29.07
N MET B 31 14.24 -4.06 28.27
CA MET B 31 13.64 -2.76 27.97
C MET B 31 13.20 -1.99 29.21
N LEU B 32 12.47 -2.63 30.14
CA LEU B 32 12.02 -1.93 31.34
C LEU B 32 13.18 -1.47 32.22
N GLN B 33 14.19 -2.34 32.41
CA GLN B 33 15.33 -2.00 33.24
C GLN B 33 16.14 -0.88 32.59
N LYS B 34 16.20 -0.86 31.25
CA LYS B 34 16.84 0.24 30.53
C LYS B 34 16.04 1.54 30.67
N ALA B 35 14.71 1.49 30.72
CA ALA B 35 13.92 2.68 31.00
C ALA B 35 14.19 3.32 32.39
N ALA B 36 14.67 2.61 33.43
CA ALA B 36 14.69 3.12 34.79
C ALA B 36 15.39 2.15 35.75
N ASP B 37 16.01 2.69 36.83
CA ASP B 37 16.37 1.88 37.99
C ASP B 37 15.46 2.27 39.16
N GLU B 38 15.73 1.75 40.35
CA GLU B 38 14.89 2.09 41.49
C GLU B 38 14.82 3.60 41.81
N THR B 39 15.92 4.36 41.63
CA THR B 39 15.92 5.77 42.02
C THR B 39 15.10 6.59 41.01
N THR B 40 15.23 6.28 39.72
CA THR B 40 14.46 6.92 38.67
C THR B 40 12.99 6.79 39.04
N LEU B 41 12.66 5.54 39.42
CA LEU B 41 11.30 5.14 39.69
C LEU B 41 10.70 6.01 40.77
N LYS B 42 11.44 6.08 41.87
CA LYS B 42 10.93 6.72 43.05
C LYS B 42 10.61 8.19 42.72
N ASN B 43 11.34 8.81 41.79
CA ASN B 43 11.04 10.18 41.40
C ASN B 43 9.80 10.32 40.50
N VAL B 44 9.36 9.30 39.73
CA VAL B 44 8.22 9.49 38.84
C VAL B 44 6.97 8.75 39.32
N LEU B 45 7.08 7.93 40.38
CA LEU B 45 5.95 7.20 40.93
C LEU B 45 4.92 8.19 41.43
N VAL B 46 3.67 8.00 41.13
CA VAL B 46 2.65 8.88 41.63
C VAL B 46 2.01 8.30 42.89
N MET B 47 2.09 9.05 43.99
CA MET B 47 1.71 8.54 45.29
C MET B 47 0.25 8.84 45.59
N LYS B 48 -0.22 8.15 46.61
CA LYS B 48 -1.56 8.30 47.12
C LYS B 48 -2.58 8.05 46.03
N GLN B 49 -2.28 7.18 45.04
CA GLN B 49 -3.33 6.77 44.15
C GLN B 49 -3.81 7.95 43.32
N ALA B 50 -2.97 8.97 43.15
CA ALA B 50 -3.35 10.08 42.28
C ALA B 50 -3.46 9.64 40.82
N TRP B 51 -2.86 8.51 40.46
CA TRP B 51 -2.91 8.01 39.07
C TRP B 51 -4.29 7.44 38.68
N VAL B 52 -5.22 7.30 39.61
CA VAL B 52 -6.42 6.55 39.34
C VAL B 52 -7.22 7.36 38.34
N PRO B 53 -7.59 6.77 37.20
CA PRO B 53 -8.32 7.51 36.19
C PRO B 53 -9.83 7.56 36.29
N TYR B 54 -10.42 7.09 37.40
CA TYR B 54 -11.88 6.96 37.52
C TYR B 54 -12.38 8.09 38.41
N PRO B 55 -13.60 8.60 38.21
CA PRO B 55 -14.17 9.50 39.18
C PRO B 55 -14.29 8.90 40.58
N ALA B 56 -14.30 9.78 41.54
CA ALA B 56 -14.66 9.43 42.89
C ALA B 56 -16.03 8.76 42.90
N TYR B 57 -16.20 7.79 43.78
CA TYR B 57 -17.50 7.23 44.01
C TYR B 57 -18.60 8.29 44.22
N THR B 58 -18.29 9.37 44.98
CA THR B 58 -19.29 10.38 45.33
C THR B 58 -19.63 11.35 44.19
N ASP B 59 -18.87 11.33 43.09
CA ASP B 59 -19.06 12.25 41.97
C ASP B 59 -20.01 11.69 40.89
N ARG B 60 -21.32 11.71 41.19
CA ARG B 60 -22.34 11.05 40.39
C ARG B 60 -22.36 11.53 38.94
N ALA B 61 -22.22 12.84 38.73
CA ALA B 61 -22.34 13.46 37.43
C ALA B 61 -21.28 12.88 36.52
N ALA B 62 -20.06 12.81 37.02
CA ALA B 62 -18.94 12.29 36.24
C ALA B 62 -19.14 10.80 35.92
N TRP B 63 -19.65 10.03 36.90
CA TRP B 63 -19.97 8.64 36.66
C TRP B 63 -21.07 8.52 35.60
N ASP B 64 -22.14 9.30 35.67
CA ASP B 64 -23.15 9.24 34.62
C ASP B 64 -22.62 9.56 33.23
N SER B 65 -21.76 10.58 33.10
CA SER B 65 -21.16 10.91 31.80
C SER B 65 -20.40 9.73 31.26
N LEU B 66 -19.50 9.22 32.10
CA LEU B 66 -18.63 8.12 31.73
C LEU B 66 -19.43 6.91 31.30
N MET B 67 -20.50 6.63 32.05
CA MET B 67 -21.22 5.37 31.92
C MET B 67 -22.07 5.38 30.66
N GLY B 68 -22.74 6.48 30.38
CA GLY B 68 -23.76 6.46 29.33
C GLY B 68 -24.77 5.34 29.59
N SER B 69 -25.06 4.56 28.55
CA SER B 69 -26.12 3.56 28.65
C SER B 69 -25.62 2.27 29.33
N ASN B 70 -24.33 2.20 29.71
CA ASN B 70 -23.90 1.14 30.61
C ASN B 70 -24.56 1.27 31.99
N LYS B 71 -25.08 2.43 32.32
CA LYS B 71 -25.62 2.61 33.67
C LYS B 71 -26.84 1.72 33.89
N GLN B 72 -27.89 1.84 33.10
CA GLN B 72 -29.11 1.08 33.32
C GLN B 72 -28.77 -0.39 33.37
N ARG B 73 -27.84 -0.79 32.51
CA ARG B 73 -27.47 -2.18 32.33
C ARG B 73 -26.75 -2.79 33.55
N LEU B 74 -25.80 -2.08 34.10
CA LEU B 74 -25.06 -2.52 35.27
C LEU B 74 -25.95 -2.54 36.52
N ILE B 75 -26.82 -1.54 36.65
CA ILE B 75 -27.76 -1.51 37.75
C ILE B 75 -28.61 -2.78 37.69
N ALA B 76 -29.08 -3.14 36.49
CA ALA B 76 -29.93 -4.31 36.33
C ALA B 76 -29.17 -5.61 36.67
N ALA B 77 -27.89 -5.70 36.26
CA ALA B 77 -27.03 -6.83 36.59
C ALA B 77 -26.76 -6.92 38.11
N GLY B 78 -26.58 -5.78 38.77
CA GLY B 78 -26.42 -5.80 40.21
C GLY B 78 -27.71 -6.23 40.92
N GLU B 79 -28.85 -5.79 40.40
CA GLU B 79 -30.12 -6.03 41.05
C GLU B 79 -30.36 -7.51 41.13
N LYS B 80 -29.91 -8.26 40.12
CA LYS B 80 -29.97 -9.72 40.09
C LYS B 80 -29.16 -10.37 41.21
N LEU B 81 -28.22 -9.67 41.82
CA LEU B 81 -27.41 -10.22 42.89
C LEU B 81 -27.76 -9.63 44.23
N LEU B 82 -28.85 -8.89 44.40
CA LEU B 82 -29.23 -8.35 45.70
C LEU B 82 -29.42 -9.45 46.74
N ASP B 83 -29.76 -10.64 46.30
CA ASP B 83 -30.01 -11.78 47.14
C ASP B 83 -29.09 -12.97 46.80
N TYR B 84 -27.93 -12.74 46.20
CA TYR B 84 -27.01 -13.78 45.89
C TYR B 84 -26.43 -14.33 47.18
N LYS B 85 -26.38 -15.64 47.31
CA LYS B 85 -25.79 -16.30 48.45
C LYS B 85 -24.35 -16.62 48.13
N TRP B 86 -23.46 -15.94 48.87
CA TRP B 86 -22.04 -16.17 48.77
C TRP B 86 -21.77 -17.66 48.95
N GLN B 87 -21.10 -18.30 47.99
CA GLN B 87 -20.91 -19.74 48.08
C GLN B 87 -19.64 -20.10 48.83
N LEU B 88 -19.81 -21.04 49.73
CA LEU B 88 -18.70 -21.55 50.52
C LEU B 88 -18.00 -22.64 49.75
N ILE B 89 -16.67 -22.70 49.80
CA ILE B 89 -15.95 -23.76 49.11
C ILE B 89 -15.52 -24.80 50.12
N PRO B 90 -16.10 -26.01 50.09
CA PRO B 90 -15.81 -26.95 51.18
C PRO B 90 -14.42 -27.56 50.97
N ALA B 91 -13.81 -28.02 52.08
CA ALA B 91 -12.53 -28.68 52.00
C ALA B 91 -12.55 -29.81 50.94
N THR B 92 -13.65 -30.56 50.80
CA THR B 92 -13.68 -31.68 49.90
C THR B 92 -13.54 -31.18 48.48
N ALA B 93 -13.90 -29.94 48.18
CA ALA B 93 -13.69 -29.50 46.80
C ALA B 93 -12.21 -29.34 46.42
N TYR B 94 -11.40 -28.83 47.36
CA TYR B 94 -9.96 -28.83 47.17
C TYR B 94 -9.33 -30.23 47.09
N LEU B 95 -9.73 -31.10 48.00
CA LEU B 95 -9.30 -32.49 48.04
C LEU B 95 -9.62 -33.24 46.74
N GLU B 96 -10.69 -32.91 46.08
CA GLU B 96 -11.15 -33.64 44.93
C GLU B 96 -10.12 -33.56 43.80
N TYR B 97 -9.27 -32.55 43.83
CA TYR B 97 -8.25 -32.41 42.84
C TYR B 97 -7.19 -33.52 42.98
N GLU B 98 -6.84 -33.87 44.22
CA GLU B 98 -5.88 -34.88 44.54
C GLU B 98 -6.54 -36.21 44.28
N ARG B 99 -7.85 -36.30 44.52
CA ARG B 99 -8.51 -37.59 44.43
C ARG B 99 -8.73 -37.94 42.96
N THR B 100 -9.15 -37.00 42.10
CA THR B 100 -9.59 -37.38 40.75
C THR B 100 -9.14 -36.39 39.69
N GLY B 101 -8.54 -35.29 40.08
CA GLY B 101 -8.18 -34.32 39.06
C GLY B 101 -9.24 -33.26 38.80
N ASN B 102 -10.38 -33.35 39.50
CA ASN B 102 -11.48 -32.47 39.25
C ASN B 102 -11.16 -31.09 39.84
N ARG B 103 -11.22 -30.06 38.98
CA ARG B 103 -10.89 -28.69 39.26
C ARG B 103 -12.20 -27.89 39.34
N LYS B 104 -13.24 -28.25 38.55
CA LYS B 104 -14.43 -27.44 38.42
C LYS B 104 -15.29 -27.38 39.70
N ILE B 105 -15.31 -28.50 40.42
CA ILE B 105 -16.01 -28.56 41.70
C ILE B 105 -15.57 -27.39 42.60
N MET B 106 -14.32 -26.92 42.48
CA MET B 106 -13.79 -25.81 43.28
C MET B 106 -13.92 -24.49 42.50
N GLU B 107 -13.65 -24.50 41.19
CA GLU B 107 -13.55 -23.23 40.46
C GLU B 107 -14.88 -22.57 40.17
N VAL B 108 -15.96 -23.34 40.02
CA VAL B 108 -17.28 -22.84 39.70
C VAL B 108 -17.76 -21.94 40.84
N PRO B 109 -17.79 -22.38 42.11
CA PRO B 109 -18.27 -21.46 43.13
C PRO B 109 -17.31 -20.27 43.39
N TYR B 110 -16.02 -20.51 43.33
CA TYR B 110 -15.04 -19.45 43.46
C TYR B 110 -15.31 -18.35 42.41
N ASP B 111 -15.44 -18.76 41.16
CA ASP B 111 -15.61 -17.79 40.09
C ASP B 111 -16.96 -17.08 40.13
N ALA B 112 -18.03 -17.80 40.46
CA ALA B 112 -19.31 -17.20 40.68
C ALA B 112 -19.21 -16.13 41.75
N ASN B 113 -18.52 -16.38 42.85
CA ASN B 113 -18.34 -15.35 43.87
C ASN B 113 -17.52 -14.17 43.36
N ARG B 114 -16.43 -14.44 42.59
CA ARG B 114 -15.61 -13.37 42.09
C ARG B 114 -16.36 -12.50 41.07
N GLN B 115 -17.15 -13.11 40.23
CA GLN B 115 -17.89 -12.32 39.25
C GLN B 115 -18.99 -11.53 39.94
N ALA B 116 -19.67 -12.13 40.93
CA ALA B 116 -20.68 -11.40 41.68
C ALA B 116 -20.10 -10.15 42.30
N LEU B 117 -18.92 -10.29 42.91
CA LEU B 117 -18.27 -9.17 43.57
C LEU B 117 -17.96 -8.08 42.53
N ASN B 118 -17.48 -8.51 41.35
CA ASN B 118 -17.06 -7.55 40.32
C ASN B 118 -18.29 -6.83 39.78
N THR B 119 -19.36 -7.56 39.52
CA THR B 119 -20.63 -7.01 39.09
C THR B 119 -21.18 -5.98 40.08
N LEU B 120 -21.22 -6.34 41.35
CA LEU B 120 -21.73 -5.46 42.38
C LEU B 120 -20.87 -4.21 42.42
N MET B 121 -19.54 -4.31 42.16
CA MET B 121 -18.73 -3.12 42.19
C MET B 121 -19.18 -2.11 41.09
N LEU B 122 -19.39 -2.61 39.88
CA LEU B 122 -19.82 -1.81 38.73
C LEU B 122 -21.23 -1.28 38.93
N ALA B 123 -22.13 -2.09 39.55
CA ALA B 123 -23.49 -1.65 39.77
C ALA B 123 -23.55 -0.49 40.74
N GLU B 124 -22.72 -0.55 41.76
CA GLU B 124 -22.65 0.51 42.76
C GLU B 124 -21.96 1.77 42.21
N LEU B 125 -20.91 1.63 41.41
CA LEU B 125 -20.33 2.78 40.74
C LEU B 125 -21.35 3.42 39.78
N ALA B 126 -22.25 2.60 39.21
CA ALA B 126 -23.26 3.06 38.26
C ALA B 126 -24.34 3.79 39.02
N GLU B 127 -24.83 3.25 40.13
CA GLU B 127 -26.00 3.81 40.75
C GLU B 127 -25.67 4.85 41.82
N GLY B 128 -24.66 4.57 42.66
CA GLY B 128 -24.27 5.41 43.76
C GLY B 128 -25.37 5.67 44.79
N LYS B 129 -26.38 4.86 44.99
CA LYS B 129 -27.39 5.14 46.00
C LYS B 129 -27.23 4.27 47.24
N GLY B 130 -26.10 3.54 47.30
CA GLY B 130 -25.75 2.79 48.49
C GLY B 130 -26.39 1.41 48.49
N ARG B 131 -27.12 1.03 47.45
CA ARG B 131 -28.00 -0.11 47.51
C ARG B 131 -27.23 -1.43 47.43
N PHE B 132 -26.01 -1.40 46.87
CA PHE B 132 -25.29 -2.64 46.72
C PHE B 132 -24.14 -2.67 47.75
N ILE B 133 -24.02 -1.66 48.59
CA ILE B 133 -22.95 -1.68 49.56
C ILE B 133 -23.02 -2.91 50.49
N ASP B 134 -24.21 -3.40 50.84
CA ASP B 134 -24.31 -4.53 51.78
C ASP B 134 -23.80 -5.85 51.19
N GLN B 135 -24.19 -6.12 49.93
CA GLN B 135 -23.66 -7.27 49.24
C GLN B 135 -22.18 -7.10 49.02
N LEU B 136 -21.70 -5.89 48.76
CA LEU B 136 -20.27 -5.73 48.53
C LEU B 136 -19.52 -6.08 49.79
N LEU B 137 -20.10 -5.69 50.93
CA LEU B 137 -19.47 -5.88 52.22
C LEU B 137 -19.44 -7.36 52.57
N ASN B 138 -20.51 -8.04 52.25
CA ASN B 138 -20.62 -9.44 52.49
C ASN B 138 -19.53 -10.17 51.70
N GLY B 139 -19.43 -9.83 50.42
CA GLY B 139 -18.52 -10.54 49.54
C GLY B 139 -17.09 -10.31 50.00
N ALA B 140 -16.80 -9.11 50.44
CA ALA B 140 -15.44 -8.75 50.90
C ALA B 140 -15.07 -9.48 52.21
N TYR B 141 -16.01 -9.57 53.10
CA TYR B 141 -15.82 -10.19 54.37
C TYR B 141 -15.66 -11.67 54.20
N MET B 142 -16.52 -12.27 53.38
CA MET B 142 -16.38 -13.71 53.19
C MET B 142 -15.05 -13.99 52.55
N SER B 143 -14.60 -13.15 51.62
CA SER B 143 -13.34 -13.44 50.97
C SER B 143 -12.22 -13.38 51.99
N CYS B 144 -12.35 -12.51 53.02
CA CYS B 144 -11.26 -12.43 53.95
C CYS B 144 -11.26 -13.69 54.79
N GLU B 145 -12.41 -14.32 54.97
CA GLU B 145 -12.59 -15.51 55.84
C GLU B 145 -12.02 -16.79 55.23
N MET B 146 -11.98 -16.86 53.90
CA MET B 146 -11.29 -17.95 53.16
C MET B 146 -9.83 -18.03 53.57
N ASN B 147 -9.30 -19.24 53.76
CA ASN B 147 -7.88 -19.39 54.05
C ASN B 147 -6.99 -18.98 52.86
N SER B 148 -7.41 -19.06 51.61
CA SER B 148 -6.53 -18.73 50.48
C SER B 148 -7.37 -18.34 49.30
N TRP B 149 -6.79 -17.56 48.38
CA TRP B 149 -7.46 -17.30 47.13
C TRP B 149 -6.89 -18.09 45.94
N VAL B 150 -6.02 -19.03 46.24
CA VAL B 150 -5.40 -19.87 45.23
C VAL B 150 -6.33 -21.04 44.86
N LEU B 151 -6.38 -21.32 43.53
CA LEU B 151 -7.07 -22.44 42.93
C LEU B 151 -6.56 -23.74 43.46
N SER B 152 -7.45 -24.73 43.49
CA SER B 152 -7.06 -26.01 44.08
C SER B 152 -5.97 -26.68 43.21
N ALA B 153 -6.08 -26.49 41.91
CA ALA B 153 -5.16 -27.07 40.96
C ALA B 153 -3.81 -26.36 41.07
N HIS B 154 -3.68 -25.17 41.69
CA HIS B 154 -2.37 -24.50 41.81
C HIS B 154 -1.75 -24.63 43.19
N LEU B 155 -2.57 -24.86 44.22
CA LEU B 155 -2.12 -24.96 45.58
C LEU B 155 -1.03 -25.98 45.76
N PRO B 156 -0.96 -27.08 44.97
CA PRO B 156 0.11 -28.06 45.16
C PRO B 156 1.52 -27.50 44.90
N ARG B 157 1.66 -26.28 44.34
CA ARG B 157 2.93 -25.59 44.29
C ARG B 157 3.35 -25.06 45.67
N GLN B 158 2.53 -25.06 46.69
CA GLN B 158 3.01 -24.61 48.00
C GLN B 158 4.00 -25.61 48.56
N SER B 159 4.66 -25.25 49.67
CA SER B 159 5.65 -26.12 50.31
C SER B 159 5.14 -27.51 50.59
N SER B 160 3.99 -27.62 51.22
CA SER B 160 3.49 -28.96 51.54
C SER B 160 3.12 -29.77 50.27
N LYS B 161 2.89 -29.13 49.13
CA LYS B 161 2.44 -29.82 47.90
C LYS B 161 1.03 -30.45 47.96
N ARG B 162 0.19 -29.95 48.88
CA ARG B 162 -1.20 -30.35 48.97
C ARG B 162 -2.11 -29.40 48.22
N SER B 163 -3.27 -29.93 47.80
CA SER B 163 -4.28 -29.15 47.10
C SER B 163 -5.17 -28.33 48.04
N LEU B 164 -4.99 -28.45 49.35
CA LEU B 164 -5.85 -27.72 50.28
C LEU B 164 -5.06 -26.52 50.79
N PRO B 165 -5.72 -25.36 51.04
CA PRO B 165 -5.03 -24.22 51.63
C PRO B 165 -4.42 -24.60 52.96
N ASP B 166 -3.18 -24.17 53.13
CA ASP B 166 -2.47 -24.27 54.39
C ASP B 166 -2.35 -22.85 54.99
N PHE B 167 -3.07 -22.60 56.11
CA PHE B 167 -3.13 -21.25 56.64
C PHE B 167 -1.74 -20.69 56.99
N ARG B 168 -0.70 -21.51 57.03
CA ARG B 168 0.62 -21.03 57.38
C ARG B 168 1.32 -20.43 56.18
N GLU B 169 0.84 -20.60 54.95
CA GLU B 169 1.65 -20.16 53.83
C GLU B 169 0.75 -19.67 52.71
N GLN B 170 1.23 -18.67 52.02
CA GLN B 170 0.51 -18.11 50.89
C GLN B 170 1.40 -18.10 49.68
N ILE B 171 0.87 -18.52 48.56
CA ILE B 171 1.57 -18.39 47.29
C ILE B 171 0.59 -17.60 46.43
N ILE B 172 1.08 -17.22 45.24
CA ILE B 172 0.27 -16.47 44.29
C ILE B 172 0.12 -17.28 43.01
N ASP B 173 -1.09 -17.29 42.45
CA ASP B 173 -1.44 -17.93 41.19
C ASP B 173 -2.29 -16.92 40.46
N LEU B 174 -2.67 -17.30 39.24
CA LEU B 174 -3.51 -16.50 38.37
C LEU B 174 -4.76 -16.03 39.12
N GLY B 175 -5.45 -16.99 39.77
CA GLY B 175 -6.68 -16.69 40.49
C GLY B 175 -6.49 -15.71 41.67
N SER B 176 -5.57 -16.00 42.59
CA SER B 176 -5.39 -15.17 43.76
C SER B 176 -5.00 -13.76 43.39
N GLY B 177 -4.10 -13.63 42.42
CA GLY B 177 -3.79 -12.29 41.91
C GLY B 177 -5.00 -11.51 41.46
N GLY B 178 -5.88 -12.12 40.70
CA GLY B 178 -7.08 -11.45 40.21
C GLY B 178 -8.04 -11.16 41.36
N TYR B 179 -8.11 -12.08 42.35
CA TYR B 179 -8.94 -11.88 43.54
C TYR B 179 -8.41 -10.68 44.32
N GLY B 180 -7.09 -10.60 44.52
CA GLY B 180 -6.47 -9.55 45.30
C GLY B 180 -6.68 -8.20 44.63
N ALA B 181 -6.46 -8.13 43.30
CA ALA B 181 -6.59 -6.89 42.55
C ALA B 181 -8.03 -6.42 42.64
N LEU B 182 -9.00 -7.32 42.51
CA LEU B 182 -10.39 -6.94 42.71
C LEU B 182 -10.65 -6.40 44.13
N MET B 183 -10.18 -7.14 45.13
CA MET B 183 -10.39 -6.76 46.53
C MET B 183 -9.76 -5.37 46.79
N ALA B 184 -8.59 -5.15 46.21
CA ALA B 184 -7.92 -3.86 46.29
C ALA B 184 -8.78 -2.79 45.66
N TRP B 185 -9.41 -3.09 44.50
CA TRP B 185 -10.23 -2.02 43.95
C TRP B 185 -11.47 -1.78 44.81
N VAL B 186 -12.06 -2.85 45.36
CA VAL B 186 -13.28 -2.66 46.16
C VAL B 186 -12.91 -1.83 47.40
N HIS B 187 -11.75 -2.07 47.98
CA HIS B 187 -11.22 -1.28 49.07
C HIS B 187 -11.07 0.20 48.69
N TYR B 188 -10.47 0.43 47.52
CA TYR B 188 -10.28 1.77 46.98
C TYR B 188 -11.60 2.51 46.83
N PHE B 189 -12.61 1.93 46.18
CA PHE B 189 -13.82 2.70 45.98
C PHE B 189 -14.72 2.77 47.22
N PHE B 190 -14.73 1.76 48.11
CA PHE B 190 -15.85 1.64 49.04
C PHE B 190 -15.41 1.67 50.53
N ARG B 191 -14.17 2.07 50.77
CA ARG B 191 -13.63 2.10 52.10
C ARG B 191 -14.49 2.99 53.00
N LYS B 192 -14.85 4.19 52.51
CA LYS B 192 -15.57 5.17 53.29
C LYS B 192 -16.97 4.68 53.69
N PRO B 193 -17.83 4.24 52.75
CA PRO B 193 -19.12 3.65 53.14
C PRO B 193 -19.01 2.36 53.97
N PHE B 194 -18.06 1.48 53.65
CA PHE B 194 -17.78 0.33 54.50
C PHE B 194 -17.46 0.80 55.93
N ASP B 195 -16.58 1.79 56.08
CA ASP B 195 -16.10 2.22 57.38
C ASP B 195 -17.21 2.86 58.22
N LYS B 196 -18.17 3.53 57.57
CA LYS B 196 -19.34 4.06 58.27
C LYS B 196 -20.19 2.93 58.81
N ILE B 197 -20.23 1.77 58.12
CA ILE B 197 -20.94 0.61 58.61
C ILE B 197 -20.14 -0.08 59.71
N ASN B 198 -18.86 -0.34 59.50
CA ASN B 198 -17.99 -0.93 60.51
C ASN B 198 -16.58 -0.98 59.95
N PRO B 199 -15.65 -0.24 60.53
CA PRO B 199 -14.30 -0.16 59.95
C PRO B 199 -13.49 -1.47 59.96
N VAL B 200 -13.95 -2.50 60.67
CA VAL B 200 -13.17 -3.75 60.73
C VAL B 200 -13.13 -4.50 59.38
N VAL B 201 -14.10 -4.29 58.52
CA VAL B 201 -14.13 -4.97 57.22
C VAL B 201 -12.98 -4.47 56.37
N SER B 202 -12.77 -3.14 56.29
CA SER B 202 -11.73 -2.60 55.42
C SER B 202 -10.39 -2.96 56.04
N LEU B 203 -10.31 -2.93 57.37
CA LEU B 203 -9.05 -3.30 58.06
C LEU B 203 -8.62 -4.73 57.71
N GLN B 204 -9.56 -5.66 57.75
CA GLN B 204 -9.31 -7.05 57.40
C GLN B 204 -8.87 -7.20 55.91
N MET B 205 -9.53 -6.49 54.99
CA MET B 205 -9.14 -6.53 53.57
C MET B 205 -7.69 -6.10 53.36
N ARG B 206 -7.23 -5.12 54.12
CA ARG B 206 -5.87 -4.62 54.01
C ARG B 206 -4.90 -5.68 54.54
N LYS B 207 -5.35 -6.41 55.57
CA LYS B 207 -4.54 -7.48 56.11
C LYS B 207 -4.41 -8.64 55.13
N ALA B 208 -5.54 -9.01 54.54
CA ALA B 208 -5.61 -10.11 53.60
C ALA B 208 -4.76 -9.86 52.34
N ILE B 209 -4.85 -8.66 51.78
CA ILE B 209 -4.14 -8.30 50.55
C ILE B 209 -2.68 -8.30 50.90
N LYS B 210 -2.34 -7.88 52.13
CA LYS B 210 -0.93 -7.84 52.54
C LYS B 210 -0.38 -9.26 52.63
N GLU B 211 -1.08 -10.15 53.34
CA GLU B 211 -0.56 -11.50 53.56
C GLU B 211 -0.60 -12.40 52.32
N ARG B 212 -1.50 -12.13 51.36
CA ARG B 212 -1.80 -13.00 50.24
C ARG B 212 -1.22 -12.48 48.91
N ILE B 213 -0.88 -11.19 48.81
CA ILE B 213 -0.25 -10.63 47.63
C ILE B 213 1.06 -9.91 48.00
N LEU B 214 1.03 -8.81 48.75
CA LEU B 214 2.21 -7.95 48.87
C LEU B 214 3.39 -8.70 49.49
N ASP B 215 3.13 -9.42 50.59
CA ASP B 215 4.19 -10.04 51.34
C ASP B 215 4.82 -11.18 50.56
N PRO B 216 4.07 -12.20 50.10
CA PRO B 216 4.70 -13.27 49.32
C PRO B 216 5.33 -12.72 48.05
N TYR B 217 4.74 -11.72 47.41
CA TYR B 217 5.31 -11.16 46.16
C TYR B 217 6.72 -10.63 46.42
N MET B 218 6.91 -9.87 47.50
CA MET B 218 8.24 -9.39 47.86
C MET B 218 9.14 -10.45 48.49
N ASN B 219 8.61 -11.42 49.23
CA ASN B 219 9.44 -12.23 50.09
C ASN B 219 9.82 -13.56 49.48
N ASP B 220 9.16 -13.97 48.39
CA ASP B 220 9.37 -15.28 47.82
C ASP B 220 9.78 -15.08 46.35
N ASP B 221 11.06 -15.33 46.11
CA ASP B 221 11.70 -15.12 44.82
C ASP B 221 11.45 -16.26 43.84
N ASP B 222 10.97 -17.36 44.39
CA ASP B 222 10.97 -18.61 43.68
C ASP B 222 9.59 -18.89 43.11
N MET B 223 8.66 -17.95 43.07
CA MET B 223 7.43 -18.30 42.39
C MET B 223 7.79 -18.49 40.91
N TRP B 224 7.27 -19.55 40.32
CA TRP B 224 7.87 -20.01 39.07
C TRP B 224 7.64 -18.97 37.96
N TRP B 225 6.45 -18.35 37.92
CA TRP B 225 6.04 -17.40 36.87
C TRP B 225 6.74 -16.05 36.98
N MET B 226 7.44 -15.77 38.12
CA MET B 226 8.26 -14.57 38.24
C MET B 226 9.50 -14.65 37.35
N ALA B 227 9.98 -15.89 37.15
CA ALA B 227 11.07 -16.26 36.27
C ALA B 227 12.42 -15.74 36.78
N PHE B 228 12.59 -15.50 38.08
CA PHE B 228 13.89 -15.06 38.61
C PHE B 228 14.89 -16.20 38.62
N ASN B 229 14.43 -17.43 38.83
CA ASN B 229 15.35 -18.56 38.74
C ASN B 229 15.69 -18.91 37.29
N TRP B 230 15.04 -18.30 36.30
CA TRP B 230 14.82 -18.95 35.02
C TRP B 230 16.09 -19.53 34.38
N GLN B 231 15.95 -20.76 33.87
CA GLN B 231 16.96 -21.61 33.25
C GLN B 231 16.62 -21.87 31.79
N PRO B 232 17.57 -21.92 30.81
CA PRO B 232 17.20 -22.24 29.42
C PRO B 232 16.43 -23.56 29.35
N GLY B 233 15.30 -23.55 28.62
CA GLY B 233 14.44 -24.73 28.48
C GLY B 233 13.34 -24.81 29.53
N GLU B 234 13.29 -23.90 30.50
CA GLU B 234 12.07 -23.74 31.29
C GLU B 234 11.11 -22.81 30.55
N ILE B 235 9.84 -22.77 31.03
CA ILE B 235 8.83 -22.03 30.28
C ILE B 235 8.43 -20.77 31.06
N ILE B 236 8.53 -19.64 30.38
CA ILE B 236 7.91 -18.39 30.77
C ILE B 236 6.78 -18.20 29.80
N ASN B 237 5.60 -17.87 30.35
CA ASN B 237 4.36 -17.76 29.57
C ASN B 237 3.50 -16.60 30.10
N ASN B 238 2.22 -16.62 29.71
CA ASN B 238 1.25 -15.61 30.04
C ASN B 238 1.16 -15.38 31.57
N TRP B 239 1.50 -16.36 32.41
CA TRP B 239 1.38 -16.16 33.86
C TRP B 239 2.23 -14.96 34.31
N ASN B 240 3.34 -14.70 33.59
CA ASN B 240 4.27 -13.69 34.05
C ASN B 240 3.64 -12.29 33.90
N PRO B 241 3.27 -11.78 32.73
CA PRO B 241 2.63 -10.46 32.70
C PRO B 241 1.26 -10.41 33.35
N TRP B 242 0.54 -11.52 33.40
CA TRP B 242 -0.76 -11.56 34.06
C TRP B 242 -0.64 -11.38 35.60
N CYS B 243 0.15 -12.23 36.24
CA CYS B 243 0.33 -12.20 37.69
C CYS B 243 1.05 -10.90 38.07
N ASN B 244 2.03 -10.44 37.27
CA ASN B 244 2.73 -9.18 37.54
C ASN B 244 1.81 -7.94 37.44
N SER B 245 0.85 -7.95 36.50
CA SER B 245 -0.11 -6.86 36.37
C SER B 245 -1.03 -6.80 37.59
N ASN B 246 -1.43 -7.96 38.12
CA ASN B 246 -2.29 -8.04 39.28
C ASN B 246 -1.55 -7.57 40.52
N ALA B 247 -0.32 -7.99 40.69
CA ALA B 247 0.50 -7.60 41.83
C ALA B 247 0.71 -6.09 41.85
N LEU B 248 1.03 -5.57 40.65
CA LEU B 248 1.28 -4.15 40.47
C LEU B 248 0.06 -3.32 40.90
N GLN B 249 -1.14 -3.72 40.51
CA GLN B 249 -2.33 -3.00 40.93
C GLN B 249 -2.43 -2.95 42.46
N CYS B 250 -2.28 -4.12 43.12
CA CYS B 250 -2.33 -4.22 44.57
C CYS B 250 -1.31 -3.26 45.22
N PHE B 251 -0.11 -3.12 44.65
CA PHE B 251 0.91 -2.27 45.25
C PHE B 251 0.53 -0.79 45.07
N LEU B 252 0.23 -0.41 43.82
CA LEU B 252 -0.18 0.95 43.60
C LEU B 252 -1.47 1.27 44.39
N LEU B 253 -2.34 0.32 44.69
CA LEU B 253 -3.57 0.66 45.40
C LEU B 253 -3.42 0.65 46.92
N MET B 254 -2.49 -0.17 47.45
CA MET B 254 -2.50 -0.50 48.88
C MET B 254 -1.20 -0.12 49.57
N GLU B 255 -0.08 0.10 48.87
CA GLU B 255 1.20 0.42 49.47
C GLU B 255 1.51 1.91 49.32
N ASN B 256 1.55 2.64 50.44
CA ASN B 256 1.71 4.08 50.46
C ASN B 256 3.09 4.52 50.95
N ASN B 257 3.96 3.60 51.35
CA ASN B 257 5.35 3.92 51.61
C ASN B 257 6.12 3.87 50.29
N LYS B 258 6.81 4.99 49.98
CA LYS B 258 7.38 5.22 48.66
C LYS B 258 8.60 4.33 48.43
N ASP B 259 9.42 4.15 49.46
CA ASP B 259 10.56 3.26 49.28
C ASP B 259 10.06 1.86 49.02
N ARG B 260 9.09 1.42 49.84
CA ARG B 260 8.60 0.08 49.62
C ARG B 260 8.01 -0.10 48.20
N LEU B 261 7.17 0.87 47.80
CA LEU B 261 6.48 0.83 46.53
C LEU B 261 7.48 0.79 45.37
N ALA B 262 8.53 1.64 45.42
CA ALA B 262 9.52 1.71 44.37
C ALA B 262 10.12 0.33 44.17
N LYS B 263 10.41 -0.32 45.30
CA LYS B 263 11.07 -1.62 45.29
C LYS B 263 10.15 -2.68 44.65
N ALA B 264 8.85 -2.63 44.98
CA ALA B 264 7.88 -3.59 44.45
C ALA B 264 7.79 -3.41 42.93
N VAL B 265 7.59 -2.18 42.49
CA VAL B 265 7.35 -1.94 41.07
C VAL B 265 8.61 -2.28 40.28
N TYR B 266 9.78 -1.98 40.84
CA TYR B 266 11.00 -2.32 40.16
C TYR B 266 11.14 -3.83 40.06
N ARG B 267 10.84 -4.53 41.17
CA ARG B 267 10.84 -5.98 41.19
C ARG B 267 9.99 -6.46 40.01
N SER B 268 8.82 -5.84 39.79
CA SER B 268 7.90 -6.28 38.76
C SER B 268 8.41 -6.03 37.33
N MET B 269 9.19 -4.97 37.13
CA MET B 269 9.82 -4.65 35.88
C MET B 269 10.89 -5.67 35.52
N LYS B 270 11.71 -6.04 36.51
CA LYS B 270 12.68 -7.09 36.36
C LYS B 270 11.96 -8.38 35.96
N SER B 271 10.84 -8.68 36.59
CA SER B 271 10.16 -9.93 36.35
C SER B 271 9.54 -9.95 34.95
N VAL B 272 8.86 -8.88 34.55
CA VAL B 272 8.21 -8.84 33.25
C VAL B 272 9.25 -8.76 32.12
N ASP B 273 10.43 -8.17 32.38
CA ASP B 273 11.53 -8.16 31.41
C ASP B 273 11.85 -9.59 31.02
N LYS B 274 11.71 -10.54 31.93
CA LYS B 274 12.02 -11.90 31.54
C LYS B 274 11.08 -12.39 30.44
N PHE B 275 9.80 -12.06 30.58
CA PHE B 275 8.84 -12.44 29.57
C PHE B 275 9.15 -11.77 28.22
N ILE B 276 9.42 -10.46 28.24
CA ILE B 276 9.68 -9.64 27.07
C ILE B 276 10.89 -10.18 26.28
N ASN B 277 11.95 -10.50 27.01
CA ASN B 277 13.17 -11.12 26.53
C ASN B 277 12.92 -12.47 25.85
N PHE B 278 12.04 -13.30 26.42
CA PHE B 278 11.74 -14.62 25.89
C PHE B 278 10.88 -14.56 24.64
N VAL B 279 10.01 -13.56 24.46
CA VAL B 279 9.06 -13.64 23.36
C VAL B 279 9.77 -13.13 22.12
N LYS B 280 9.31 -13.56 20.94
CA LYS B 280 10.03 -13.26 19.73
C LYS B 280 9.79 -11.80 19.38
N SER B 281 10.81 -11.17 18.80
CA SER B 281 10.69 -9.80 18.36
C SER B 281 9.57 -9.55 17.32
N ASP B 282 9.24 -10.56 16.50
CA ASP B 282 8.30 -10.37 15.39
C ASP B 282 6.88 -10.17 15.90
N GLY B 283 6.62 -10.66 17.13
CA GLY B 283 5.36 -10.34 17.81
C GLY B 283 4.27 -11.37 17.60
N ALA B 284 4.55 -12.49 16.93
CA ALA B 284 3.56 -13.55 16.76
C ALA B 284 3.38 -14.28 18.09
N CYS B 285 2.14 -14.64 18.37
CA CYS B 285 1.79 -15.49 19.52
C CYS B 285 1.73 -16.92 18.97
N GLU B 286 2.84 -17.62 19.12
CA GLU B 286 3.03 -19.02 18.77
C GLU B 286 1.80 -19.90 19.08
N GLU B 287 1.15 -19.64 20.21
CA GLU B 287 -0.02 -20.38 20.70
C GLU B 287 -1.37 -20.02 20.07
N GLY B 288 -1.43 -18.89 19.35
CA GLY B 288 -2.67 -18.53 18.65
C GLY B 288 -3.50 -17.42 19.31
N THR B 289 -4.64 -17.15 18.69
CA THR B 289 -5.39 -15.97 19.03
C THR B 289 -6.15 -16.18 20.32
N SER B 290 -6.29 -17.40 20.82
CA SER B 290 -7.06 -17.51 22.05
C SER B 290 -6.15 -17.36 23.27
N TYR B 291 -4.82 -17.42 23.14
CA TYR B 291 -3.95 -17.11 24.27
C TYR B 291 -3.56 -15.64 24.26
N TRP B 292 -3.80 -15.00 23.12
CA TRP B 292 -3.41 -13.63 22.87
C TRP B 292 -3.88 -12.68 23.96
N GLY B 293 -5.17 -12.74 24.24
CA GLY B 293 -5.82 -11.84 25.20
C GLY B 293 -5.14 -11.87 26.57
N HIS B 294 -4.53 -12.96 27.00
CA HIS B 294 -4.04 -13.13 28.35
C HIS B 294 -2.53 -13.20 28.31
N ALA B 295 -1.94 -13.02 27.10
CA ALA B 295 -0.50 -13.05 26.95
C ALA B 295 -0.08 -11.66 26.52
N ALA B 296 -0.13 -11.36 25.22
CA ALA B 296 0.12 -9.97 24.81
C ALA B 296 -0.83 -8.97 25.51
N GLY B 297 -2.09 -9.37 25.63
CA GLY B 297 -3.10 -8.53 26.24
C GLY B 297 -2.78 -8.16 27.70
N LYS B 298 -2.11 -9.07 28.39
CA LYS B 298 -1.77 -8.84 29.78
C LYS B 298 -0.41 -8.13 29.90
N LEU B 299 0.44 -8.27 28.88
CA LEU B 299 1.62 -7.44 28.78
C LEU B 299 1.20 -5.98 28.60
N TYR B 300 0.25 -5.75 27.70
CA TYR B 300 -0.34 -4.44 27.50
C TYR B 300 -0.94 -3.97 28.82
N ASP B 301 -1.79 -4.76 29.47
CA ASP B 301 -2.38 -4.34 30.75
C ASP B 301 -1.28 -3.92 31.73
N TYR B 302 -0.26 -4.73 31.92
CA TYR B 302 0.85 -4.38 32.79
C TYR B 302 1.48 -3.03 32.40
N LEU B 303 1.78 -2.78 31.10
CA LEU B 303 2.42 -1.54 30.64
C LEU B 303 1.47 -0.35 30.76
N GLN B 304 0.19 -0.60 30.59
CA GLN B 304 -0.78 0.45 30.84
C GLN B 304 -0.69 0.89 32.32
N ILE B 305 -0.74 -0.08 33.26
CA ILE B 305 -0.77 0.18 34.70
C ILE B 305 0.54 0.82 35.12
N LEU B 306 1.64 0.33 34.54
CA LEU B 306 2.95 0.90 34.82
C LEU B 306 2.99 2.35 34.35
N SER B 307 2.48 2.64 33.14
CA SER B 307 2.45 4.03 32.68
C SER B 307 1.53 4.91 33.53
N ASP B 308 0.31 4.46 33.82
CA ASP B 308 -0.56 5.21 34.70
C ASP B 308 0.15 5.53 36.03
N GLY B 309 0.87 4.55 36.58
CA GLY B 309 1.46 4.66 37.89
C GLY B 309 2.69 5.54 37.94
N THR B 310 3.21 5.91 36.76
CA THR B 310 4.40 6.76 36.72
C THR B 310 4.09 8.04 35.95
N GLY B 311 2.80 8.44 35.92
CA GLY B 311 2.34 9.61 35.18
C GLY B 311 2.78 9.56 33.72
N GLY B 312 2.83 8.37 33.14
CA GLY B 312 3.19 8.19 31.74
C GLY B 312 4.68 8.29 31.50
N LYS B 313 5.49 8.38 32.55
CA LYS B 313 6.91 8.66 32.38
C LYS B 313 7.66 7.38 32.06
N ILE B 314 7.18 6.24 32.58
CA ILE B 314 7.75 4.93 32.25
C ILE B 314 6.74 4.09 31.45
N SER B 315 6.87 4.19 30.10
CA SER B 315 5.93 3.68 29.14
C SER B 315 6.66 3.01 27.98
N LEU B 316 6.33 1.75 27.71
CA LEU B 316 6.96 1.02 26.62
C LEU B 316 5.95 0.92 25.49
N LEU B 317 4.86 1.67 25.58
CA LEU B 317 3.75 1.49 24.65
C LEU B 317 4.04 2.03 23.26
N ASN B 318 5.11 2.83 23.10
CA ASN B 318 5.55 3.30 21.79
C ASN B 318 6.65 2.37 21.22
N GLU B 319 6.94 1.24 21.85
CA GLU B 319 7.91 0.30 21.31
C GLU B 319 7.27 -0.53 20.19
N PRO B 320 8.00 -0.64 19.04
CA PRO B 320 7.45 -1.28 17.85
C PRO B 320 7.05 -2.74 18.08
N MET B 321 7.84 -3.45 18.91
CA MET B 321 7.56 -4.83 19.26
C MET B 321 6.17 -4.96 19.88
N ILE B 322 5.82 -4.03 20.77
CA ILE B 322 4.56 -4.08 21.47
C ILE B 322 3.40 -3.93 20.47
N ARG B 323 3.58 -3.09 19.46
CA ARG B 323 2.53 -2.82 18.50
C ARG B 323 2.34 -4.04 17.61
N ARG B 324 3.45 -4.71 17.30
CA ARG B 324 3.39 -5.94 16.54
C ARG B 324 2.65 -7.01 17.30
N MET B 325 2.88 -7.12 18.61
CA MET B 325 2.27 -8.19 19.38
C MET B 325 0.78 -7.96 19.41
N GLY B 326 0.40 -6.69 19.45
CA GLY B 326 -0.99 -6.30 19.36
C GLY B 326 -1.58 -6.71 18.03
N GLU B 327 -0.88 -6.36 16.94
CA GLU B 327 -1.40 -6.49 15.57
C GLU B 327 -1.62 -7.94 15.16
N TYR B 328 -0.92 -8.85 15.83
CA TYR B 328 -1.08 -10.25 15.58
C TYR B 328 -2.54 -10.68 15.68
N MET B 329 -3.31 -10.06 16.61
CA MET B 329 -4.72 -10.38 16.73
C MET B 329 -5.54 -10.03 15.48
N SER B 330 -5.20 -8.92 14.82
CA SER B 330 -5.81 -8.48 13.58
C SER B 330 -5.35 -9.35 12.42
N ARG B 331 -4.05 -9.66 12.37
CA ARG B 331 -3.49 -10.32 11.20
C ARG B 331 -4.00 -11.75 11.13
N SER B 332 -4.26 -12.35 12.32
CA SER B 332 -4.53 -13.79 12.42
C SER B 332 -5.99 -14.05 12.29
N TYR B 333 -6.77 -12.97 12.18
CA TYR B 333 -8.21 -13.08 12.17
C TYR B 333 -8.74 -13.01 10.75
N VAL B 334 -9.16 -14.17 10.24
CA VAL B 334 -9.61 -14.26 8.85
C VAL B 334 -11.00 -13.65 8.72
N GLY B 335 -12.01 -14.06 9.48
CA GLY B 335 -13.32 -13.41 9.42
C GLY B 335 -14.42 -14.40 9.81
N ASN B 336 -15.58 -13.90 10.24
CA ASN B 336 -16.68 -14.74 10.69
C ASN B 336 -16.22 -15.79 11.68
N GLY B 337 -15.42 -15.37 12.69
CA GLY B 337 -15.16 -16.27 13.79
C GLY B 337 -13.97 -17.17 13.50
N TRP B 338 -13.61 -17.23 12.20
CA TRP B 338 -12.49 -18.05 11.74
C TRP B 338 -11.14 -17.35 11.94
N VAL B 339 -10.20 -18.11 12.51
CA VAL B 339 -8.83 -17.66 12.73
C VAL B 339 -7.81 -18.69 12.26
N VAL B 340 -6.56 -18.19 12.14
CA VAL B 340 -5.43 -19.04 11.85
C VAL B 340 -5.19 -19.92 13.04
N ASN B 341 -5.00 -21.26 12.89
CA ASN B 341 -4.93 -22.16 14.03
C ASN B 341 -3.87 -23.22 13.87
N PHE B 342 -2.61 -22.77 13.82
CA PHE B 342 -1.46 -23.63 13.87
C PHE B 342 -1.33 -24.19 15.32
N ALA B 343 -0.84 -25.41 15.47
CA ALA B 343 -0.59 -26.01 16.76
C ALA B 343 -1.92 -26.33 17.47
N ASP B 344 -1.89 -26.61 18.77
CA ASP B 344 -3.09 -27.08 19.46
C ASP B 344 -3.94 -25.89 19.83
N ALA B 345 -4.70 -25.37 18.86
CA ALA B 345 -5.50 -24.16 18.94
C ALA B 345 -6.72 -24.34 18.05
N SER B 346 -7.77 -23.57 18.31
CA SER B 346 -9.06 -23.79 17.66
C SER B 346 -9.19 -22.94 16.39
N ALA B 347 -9.95 -23.45 15.39
CA ALA B 347 -10.10 -22.68 14.15
C ALA B 347 -11.11 -21.56 14.33
N GLN B 348 -11.97 -21.74 15.33
CA GLN B 348 -12.91 -20.71 15.77
C GLN B 348 -12.27 -19.96 16.96
N GLY B 349 -12.39 -18.65 16.92
CA GLY B 349 -12.17 -17.80 18.05
C GLY B 349 -12.58 -16.39 17.69
N GLY B 350 -11.86 -15.45 18.24
CA GLY B 350 -12.34 -14.09 18.29
C GLY B 350 -11.55 -13.40 19.40
N GLY B 351 -12.11 -12.39 20.02
CA GLY B 351 -11.38 -11.75 21.11
C GLY B 351 -12.23 -10.66 21.73
N ASP B 352 -11.66 -9.98 22.73
CA ASP B 352 -12.41 -8.94 23.41
C ASP B 352 -12.24 -7.64 22.63
N PRO B 353 -13.30 -7.17 21.92
CA PRO B 353 -13.18 -5.94 21.11
C PRO B 353 -12.77 -4.74 21.97
N LEU B 354 -13.26 -4.67 23.19
CA LEU B 354 -12.95 -3.52 24.03
C LEU B 354 -11.46 -3.52 24.33
N LEU B 355 -10.90 -4.65 24.72
CA LEU B 355 -9.49 -4.74 24.99
C LEU B 355 -8.71 -4.40 23.74
N ILE B 356 -9.14 -4.93 22.58
CA ILE B 356 -8.39 -4.72 21.34
C ILE B 356 -8.33 -3.24 21.02
N TYR B 357 -9.46 -2.56 21.24
CA TYR B 357 -9.54 -1.13 21.01
C TYR B 357 -8.54 -0.37 21.90
N ARG B 358 -8.58 -0.60 23.21
CA ARG B 358 -7.68 0.04 24.15
C ARG B 358 -6.23 -0.25 23.79
N PHE B 359 -5.92 -1.49 23.43
CA PHE B 359 -4.54 -1.86 23.16
C PHE B 359 -4.10 -1.08 21.92
N GLY B 360 -4.97 -1.03 20.89
CA GLY B 360 -4.73 -0.36 19.60
C GLY B 360 -4.58 1.11 19.83
N LYS B 361 -5.46 1.70 20.63
CA LYS B 361 -5.34 3.11 20.92
C LYS B 361 -4.06 3.41 21.69
N ALA B 362 -3.73 2.64 22.71
CA ALA B 362 -2.50 2.86 23.46
C ALA B 362 -1.25 2.81 22.57
N VAL B 363 -1.14 1.91 21.58
CA VAL B 363 0.11 1.76 20.82
C VAL B 363 -0.01 2.48 19.48
N ASN B 364 -1.13 3.22 19.29
CA ASN B 364 -1.45 3.96 18.09
C ASN B 364 -1.56 3.07 16.85
N SER B 365 -2.24 1.94 16.92
CA SER B 365 -2.60 1.15 15.75
C SER B 365 -4.01 1.48 15.33
N ASN B 366 -4.21 2.27 14.27
CA ASN B 366 -5.54 2.47 13.74
C ASN B 366 -6.13 1.18 13.21
N GLU B 367 -5.26 0.26 12.79
CA GLU B 367 -5.79 -0.99 12.27
C GLU B 367 -6.51 -1.72 13.41
N MET B 368 -5.86 -1.81 14.56
CA MET B 368 -6.49 -2.48 15.71
C MET B 368 -7.77 -1.79 16.16
N MET B 369 -7.81 -0.46 16.11
CA MET B 369 -9.01 0.25 16.55
C MET B 369 -10.24 -0.04 15.66
N HIS B 370 -10.06 0.19 14.33
CA HIS B 370 -11.04 -0.21 13.31
C HIS B 370 -11.42 -1.69 13.43
N PHE B 371 -10.44 -2.58 13.62
CA PHE B 371 -10.72 -4.01 13.79
C PHE B 371 -11.64 -4.28 14.99
N ALA B 372 -11.48 -3.55 16.11
CA ALA B 372 -12.28 -3.85 17.30
C ALA B 372 -13.72 -3.49 16.96
N ALA B 373 -13.92 -2.40 16.22
CA ALA B 373 -15.27 -2.04 15.84
C ALA B 373 -15.86 -3.04 14.84
N TYR B 374 -15.01 -3.64 14.01
CA TYR B 374 -15.45 -4.61 13.01
C TYR B 374 -15.96 -5.83 13.75
N LEU B 375 -15.24 -6.21 14.80
CA LEU B 375 -15.56 -7.36 15.63
C LEU B 375 -16.90 -7.16 16.36
N LEU B 376 -17.34 -5.92 16.62
CA LEU B 376 -18.63 -5.68 17.28
C LEU B 376 -19.77 -6.17 16.40
N ASN B 377 -19.54 -6.28 15.09
CA ASN B 377 -20.50 -6.91 14.19
C ASN B 377 -21.84 -6.21 14.33
N GLY B 378 -21.81 -4.88 14.43
CA GLY B 378 -23.02 -4.10 14.57
C GLY B 378 -23.45 -3.84 16.01
N ARG B 379 -23.03 -4.61 17.00
CA ARG B 379 -23.56 -4.40 18.34
C ARG B 379 -22.89 -3.21 19.04
N LYS B 380 -23.62 -2.60 19.99
CA LYS B 380 -23.08 -1.52 20.80
C LYS B 380 -22.13 -2.09 21.83
N PRO B 381 -20.97 -1.44 22.09
CA PRO B 381 -19.99 -1.97 23.04
C PRO B 381 -20.56 -1.68 24.42
N TYR B 382 -20.54 -2.71 25.30
CA TYR B 382 -20.93 -2.56 26.69
C TYR B 382 -19.73 -2.97 27.58
N ALA B 383 -19.76 -2.50 28.83
CA ALA B 383 -18.80 -2.85 29.85
C ALA B 383 -18.56 -4.36 29.88
N THR B 384 -17.28 -4.75 29.97
CA THR B 384 -16.87 -6.11 30.24
C THR B 384 -17.27 -6.49 31.69
N MET B 385 -17.96 -7.63 31.79
CA MET B 385 -18.25 -8.21 33.09
C MET B 385 -17.13 -9.16 33.57
N GLY B 386 -17.41 -10.45 33.68
CA GLY B 386 -16.42 -11.39 34.17
C GLY B 386 -15.92 -11.05 35.60
N ASN B 387 -14.63 -11.32 35.86
CA ASN B 387 -14.08 -11.17 37.20
C ASN B 387 -12.78 -10.35 37.24
N ASP B 388 -12.35 -9.79 36.13
CA ASP B 388 -11.14 -9.00 36.02
C ASP B 388 -11.51 -7.53 36.19
N ALA B 389 -11.17 -6.99 37.36
CA ALA B 389 -11.54 -5.65 37.77
C ALA B 389 -10.97 -4.62 36.82
N PHE B 390 -9.68 -4.67 36.61
CA PHE B 390 -8.97 -3.78 35.73
C PHE B 390 -9.67 -3.65 34.37
N ARG B 391 -9.99 -4.76 33.79
CA ARG B 391 -10.56 -4.76 32.45
C ARG B 391 -11.98 -4.24 32.46
N SER B 392 -12.74 -4.61 33.48
CA SER B 392 -14.11 -4.09 33.65
C SER B 392 -14.06 -2.56 33.75
N LEU B 393 -13.16 -2.01 34.58
CA LEU B 393 -13.11 -0.58 34.86
C LEU B 393 -12.58 0.13 33.60
N GLN B 394 -11.55 -0.43 32.98
CA GLN B 394 -10.99 0.12 31.75
C GLN B 394 -12.00 0.12 30.62
N SER B 395 -12.88 -0.85 30.58
CA SER B 395 -13.89 -0.95 29.53
C SER B 395 -14.91 0.20 29.58
N LEU B 396 -15.21 0.68 30.80
CA LEU B 396 -16.03 1.86 31.00
C LEU B 396 -15.41 3.09 30.34
N LEU B 397 -14.10 3.25 30.40
CA LEU B 397 -13.44 4.42 29.82
C LEU B 397 -13.50 4.38 28.29
N CYS B 398 -13.60 3.24 27.65
CA CYS B 398 -13.35 3.21 26.23
C CYS B 398 -14.68 3.16 25.49
N CYS B 399 -15.80 2.91 26.20
CA CYS B 399 -17.08 2.59 25.57
C CYS B 399 -17.61 3.65 24.61
N ASN B 400 -17.62 4.90 25.05
CA ASN B 400 -18.05 5.97 24.18
C ASN B 400 -17.25 5.97 22.87
N ASP B 401 -15.93 5.80 23.00
CA ASP B 401 -14.99 6.00 21.92
C ASP B 401 -15.17 4.91 20.89
N LEU B 402 -15.22 3.69 21.42
CA LEU B 402 -15.35 2.54 20.54
C LEU B 402 -16.73 2.58 19.87
N ALA B 403 -17.75 3.10 20.58
CA ALA B 403 -19.09 3.18 20.03
C ALA B 403 -19.08 4.05 18.77
N LYS B 404 -18.09 4.96 18.60
CA LYS B 404 -18.02 5.91 17.50
C LYS B 404 -16.95 5.56 16.48
N GLU B 405 -16.26 4.45 16.72
CA GLU B 405 -15.29 3.97 15.75
C GLU B 405 -15.99 3.29 14.56
N THR B 406 -15.32 3.35 13.40
CA THR B 406 -15.92 2.88 12.17
C THR B 406 -15.31 1.53 11.95
N PRO B 407 -16.15 0.54 11.56
CA PRO B 407 -15.72 -0.85 11.47
C PRO B 407 -14.98 -1.07 10.17
N LYS B 408 -13.84 -1.71 10.28
CA LYS B 408 -13.20 -2.20 9.07
C LYS B 408 -12.06 -3.10 9.49
N HIS B 409 -11.89 -4.15 8.69
CA HIS B 409 -10.74 -5.00 8.83
C HIS B 409 -9.84 -4.91 7.59
N ASP B 410 -8.98 -3.89 7.53
CA ASP B 410 -8.07 -3.70 6.39
C ASP B 410 -6.72 -4.28 6.83
N MET B 411 -5.95 -4.83 5.88
CA MET B 411 -4.60 -5.26 6.24
C MET B 411 -3.75 -5.54 4.99
N PRO B 412 -2.39 -5.43 5.09
CA PRO B 412 -1.52 -5.73 3.96
C PRO B 412 -1.89 -7.10 3.43
N ASP B 413 -1.44 -7.35 2.20
CA ASP B 413 -1.69 -8.60 1.55
C ASP B 413 -0.74 -9.65 2.10
N VAL B 414 0.40 -9.22 2.62
CA VAL B 414 1.36 -10.16 3.18
C VAL B 414 1.75 -9.69 4.58
N THR B 415 1.69 -10.62 5.52
CA THR B 415 2.28 -10.47 6.83
C THR B 415 3.31 -11.58 7.01
N TRP B 416 4.55 -11.25 7.38
CA TRP B 416 5.60 -12.23 7.43
C TRP B 416 6.26 -12.15 8.80
N TYR B 417 6.14 -13.21 9.62
CA TYR B 417 6.77 -13.27 10.95
C TYR B 417 8.06 -14.06 10.77
N PRO B 418 9.21 -13.39 10.60
CA PRO B 418 10.41 -14.09 10.16
C PRO B 418 10.98 -15.05 11.19
N GLU B 419 10.77 -14.83 12.47
CA GLU B 419 11.45 -15.66 13.48
C GLU B 419 10.53 -16.80 13.90
N THR B 420 9.24 -16.50 14.10
N THR B 420 9.22 -16.50 14.06
CA THR B 420 8.26 -17.53 14.40
CA THR B 420 8.21 -17.49 14.37
C THR B 420 8.02 -18.36 13.13
C THR B 420 7.97 -18.34 13.11
N GLU B 421 8.37 -17.78 11.96
CA GLU B 421 8.21 -18.37 10.62
C GLU B 421 6.75 -18.64 10.26
N PHE B 422 5.89 -17.65 10.46
CA PHE B 422 4.50 -17.71 10.06
C PHE B 422 4.31 -16.70 8.95
N CYS B 423 3.53 -17.01 7.95
CA CYS B 423 3.39 -16.14 6.79
C CYS B 423 1.94 -16.12 6.39
N TYR B 424 1.31 -14.96 6.30
CA TYR B 424 -0.10 -14.84 5.92
C TYR B 424 -0.15 -14.06 4.61
N MET B 425 -0.90 -14.53 3.61
CA MET B 425 -0.98 -13.85 2.32
C MET B 425 -2.41 -13.91 1.76
N LYS B 426 -2.85 -12.80 1.20
CA LYS B 426 -4.20 -12.70 0.72
C LYS B 426 -4.25 -12.01 -0.63
N ASN B 427 -5.37 -12.18 -1.29
CA ASN B 427 -5.64 -11.59 -2.58
C ASN B 427 -7.02 -10.97 -2.51
N LYS B 428 -7.32 -10.16 -3.50
CA LYS B 428 -8.53 -9.37 -3.47
C LYS B 428 -9.75 -10.17 -3.93
N ASN B 429 -9.62 -11.44 -4.35
CA ASN B 429 -10.80 -12.25 -4.66
C ASN B 429 -11.12 -13.19 -3.51
N GLY B 430 -10.63 -12.91 -2.29
CA GLY B 430 -11.11 -13.55 -1.10
C GLY B 430 -10.31 -14.78 -0.67
N MET B 431 -9.12 -15.00 -1.23
CA MET B 431 -8.26 -16.06 -0.74
C MET B 431 -7.31 -15.52 0.32
N PHE B 432 -7.19 -16.30 1.39
CA PHE B 432 -6.30 -16.09 2.51
C PHE B 432 -5.49 -17.39 2.72
N VAL B 433 -4.15 -17.35 2.63
CA VAL B 433 -3.29 -18.48 2.87
C VAL B 433 -2.43 -18.17 4.09
N ALA B 434 -2.36 -19.19 4.97
CA ALA B 434 -1.47 -19.20 6.11
C ALA B 434 -0.53 -20.36 5.98
N ALA B 435 0.76 -20.12 6.19
CA ALA B 435 1.76 -21.13 6.04
C ALA B 435 2.84 -20.94 7.10
N LYS B 436 3.62 -21.98 7.37
CA LYS B 436 4.62 -21.87 8.39
C LYS B 436 5.80 -22.69 7.93
N GLY B 437 6.97 -22.25 8.40
CA GLY B 437 8.12 -23.12 8.55
C GLY B 437 8.11 -23.73 9.95
N GLY B 438 9.08 -23.34 10.79
CA GLY B 438 9.11 -23.67 12.20
C GLY B 438 9.91 -24.93 12.51
N PHE B 439 9.55 -25.53 13.66
CA PHE B 439 10.22 -26.66 14.26
C PHE B 439 9.22 -27.43 15.13
N ASN B 440 9.47 -28.73 15.28
CA ASN B 440 8.53 -29.64 15.92
C ASN B 440 8.79 -29.67 17.43
N ASN B 441 8.85 -28.47 18.05
CA ASN B 441 8.83 -28.34 19.50
C ASN B 441 8.35 -26.94 19.88
N GLU B 442 7.32 -26.42 19.18
CA GLU B 442 6.70 -25.13 19.48
C GLU B 442 5.74 -25.36 20.65
N SER B 443 5.18 -24.31 21.26
CA SER B 443 4.17 -24.58 22.26
C SER B 443 3.03 -25.30 21.60
N HIS B 444 2.51 -26.26 22.35
CA HIS B 444 1.31 -26.96 21.96
C HIS B 444 1.56 -27.49 20.53
N ASN B 445 2.76 -28.02 20.31
CA ASN B 445 3.26 -28.34 18.98
C ASN B 445 2.31 -29.29 18.23
N HIS B 446 2.16 -29.03 16.93
CA HIS B 446 1.77 -30.02 15.95
C HIS B 446 3.02 -30.20 15.10
N ASN B 447 3.15 -31.42 14.61
CA ASN B 447 4.17 -31.75 13.67
C ASN B 447 3.70 -31.26 12.30
N ASP B 448 4.07 -30.02 12.01
CA ASP B 448 3.42 -29.28 10.93
C ASP B 448 4.41 -28.34 10.22
N VAL B 449 5.70 -28.70 10.19
CA VAL B 449 6.66 -27.90 9.48
C VAL B 449 6.32 -27.87 7.98
N GLY B 450 6.04 -26.65 7.46
CA GLY B 450 5.71 -26.50 6.05
C GLY B 450 4.22 -26.35 5.74
N THR B 451 3.34 -26.45 6.77
CA THR B 451 1.92 -26.71 6.47
C THR B 451 1.32 -25.42 5.92
N PHE B 452 0.07 -25.55 5.43
CA PHE B 452 -0.67 -24.38 5.05
C PHE B 452 -2.13 -24.63 5.36
N SER B 453 -2.85 -23.52 5.33
CA SER B 453 -4.28 -23.48 5.50
C SER B 453 -4.78 -22.49 4.46
N LEU B 454 -5.89 -22.85 3.79
CA LEU B 454 -6.50 -21.93 2.88
C LEU B 454 -7.95 -21.57 3.27
N TYR B 455 -8.25 -20.26 3.22
CA TYR B 455 -9.60 -19.73 3.43
C TYR B 455 -10.05 -19.02 2.14
N VAL B 456 -11.32 -19.12 1.88
CA VAL B 456 -11.97 -18.47 0.77
C VAL B 456 -13.21 -17.76 1.28
N ASN B 457 -13.19 -16.42 1.15
CA ASN B 457 -14.20 -15.54 1.73
C ASN B 457 -14.47 -15.89 3.20
N THR B 458 -13.40 -16.06 3.97
CA THR B 458 -13.36 -16.37 5.39
C THR B 458 -13.47 -17.86 5.64
N ILE B 459 -14.00 -18.65 4.70
CA ILE B 459 -14.32 -20.01 5.02
C ILE B 459 -13.09 -20.90 4.86
N PRO B 460 -12.74 -21.73 5.88
CA PRO B 460 -11.75 -22.75 5.68
C PRO B 460 -12.14 -23.69 4.52
N VAL B 461 -11.14 -24.09 3.74
CA VAL B 461 -11.32 -24.93 2.60
C VAL B 461 -10.28 -26.04 2.62
N ILE B 462 -9.01 -25.65 2.81
CA ILE B 462 -7.99 -26.60 3.17
C ILE B 462 -7.67 -26.36 4.66
N LEU B 463 -7.92 -27.29 5.57
CA LEU B 463 -8.03 -26.92 6.97
C LEU B 463 -6.91 -27.43 7.86
N ASP B 464 -6.86 -26.86 9.04
CA ASP B 464 -5.99 -27.34 10.10
C ASP B 464 -6.90 -27.72 11.29
N ALA B 465 -6.96 -29.02 11.67
CA ALA B 465 -8.10 -29.52 12.45
C ALA B 465 -8.12 -28.82 13.81
N GLY B 466 -6.97 -28.65 14.45
CA GLY B 466 -6.97 -27.90 15.68
C GLY B 466 -6.99 -28.80 16.91
N VAL B 467 -7.55 -28.31 18.02
CA VAL B 467 -7.38 -28.93 19.33
C VAL B 467 -8.48 -29.95 19.64
N GLY B 468 -8.10 -31.19 20.02
CA GLY B 468 -9.01 -32.16 20.64
C GLY B 468 -9.18 -31.81 22.12
N THR B 469 -10.28 -32.20 22.82
CA THR B 469 -10.25 -32.29 24.28
C THR B 469 -9.63 -33.62 24.61
N ILE B 482 -1.84 -38.10 19.55
CA ILE B 482 -3.16 -38.31 18.87
C ILE B 482 -3.10 -37.64 17.47
N TRP B 483 -4.15 -37.86 16.68
CA TRP B 483 -4.01 -37.78 15.24
C TRP B 483 -3.88 -36.32 14.79
N THR B 484 -4.49 -35.44 15.56
CA THR B 484 -4.59 -34.04 15.22
C THR B 484 -3.22 -33.37 15.30
N MET B 485 -2.20 -34.09 15.85
CA MET B 485 -0.90 -33.50 15.98
C MET B 485 0.06 -34.16 15.01
N GLN B 486 -0.34 -35.21 14.32
CA GLN B 486 0.51 -35.86 13.35
C GLN B 486 0.57 -35.08 12.01
N SER B 487 1.74 -35.09 11.35
CA SER B 487 1.92 -34.45 10.05
C SER B 487 1.05 -35.15 9.01
N ASN B 488 0.76 -36.42 9.28
CA ASN B 488 -0.15 -37.19 8.49
C ASN B 488 -1.51 -36.52 8.26
N TYR B 489 -1.97 -35.73 9.25
CA TYR B 489 -3.28 -35.05 9.23
C TYR B 489 -3.09 -33.54 9.14
N HIS B 490 -1.99 -33.17 8.48
CA HIS B 490 -1.72 -31.81 8.06
C HIS B 490 -1.49 -31.83 6.55
N ASN B 491 -1.38 -30.61 6.00
CA ASN B 491 -1.39 -30.45 4.55
C ASN B 491 0.04 -30.52 4.05
N LEU B 492 0.56 -31.74 3.91
CA LEU B 492 1.97 -32.00 3.89
C LEU B 492 2.22 -33.37 3.31
N PRO B 493 3.44 -33.62 2.82
CA PRO B 493 3.81 -34.94 2.33
C PRO B 493 4.36 -35.87 3.39
N MET B 494 4.29 -37.17 3.08
CA MET B 494 4.96 -38.27 3.76
C MET B 494 6.07 -38.76 2.82
N ILE B 495 7.29 -38.46 3.23
CA ILE B 495 8.41 -38.60 2.33
C ILE B 495 8.87 -40.05 2.37
N ASN B 496 8.94 -40.69 1.19
CA ASN B 496 9.19 -42.12 1.13
C ASN B 496 8.16 -42.80 2.04
N GLY B 497 6.93 -42.29 2.11
CA GLY B 497 5.89 -42.83 3.00
C GLY B 497 6.06 -42.56 4.50
N ILE B 498 7.01 -41.72 4.91
CA ILE B 498 7.33 -41.50 6.34
C ILE B 498 6.95 -40.10 6.77
N PRO B 499 6.28 -39.92 7.95
CA PRO B 499 5.88 -38.60 8.48
C PRO B 499 6.99 -37.83 9.16
N GLN B 500 6.62 -36.65 9.63
CA GLN B 500 7.53 -35.83 10.41
C GLN B 500 7.69 -36.45 11.79
N LYS B 501 8.82 -36.14 12.44
CA LYS B 501 9.09 -36.49 13.81
C LYS B 501 9.08 -35.25 14.71
N TYR B 502 8.57 -35.45 15.93
CA TYR B 502 8.64 -34.54 17.06
C TYR B 502 10.08 -34.27 17.47
N GLY B 503 10.40 -33.04 17.95
CA GLY B 503 11.74 -32.70 18.39
C GLY B 503 12.21 -31.34 17.88
N GLN B 504 12.88 -30.63 18.79
CA GLN B 504 13.55 -29.36 18.60
C GLN B 504 14.14 -29.24 17.18
N GLU B 505 14.98 -30.18 16.75
CA GLU B 505 15.78 -30.02 15.55
C GLU B 505 15.16 -30.68 14.31
N TYR B 506 13.89 -31.15 14.43
CA TYR B 506 13.08 -31.45 13.29
C TYR B 506 12.41 -30.13 12.83
N LYS B 507 13.01 -29.51 11.78
CA LYS B 507 12.75 -28.09 11.53
C LYS B 507 12.95 -27.69 10.07
N ALA B 508 12.33 -26.54 9.73
CA ALA B 508 12.42 -25.90 8.42
C ALA B 508 13.80 -25.30 8.26
N THR B 509 14.35 -25.27 7.04
CA THR B 509 15.55 -24.48 6.78
C THR B 509 15.29 -23.64 5.53
N ASN B 510 15.95 -22.47 5.49
CA ASN B 510 15.91 -21.52 4.39
C ASN B 510 14.47 -21.13 4.15
N THR B 511 13.72 -20.85 5.21
CA THR B 511 12.41 -20.33 5.00
C THR B 511 12.47 -18.89 4.51
N THR B 512 11.94 -18.60 3.31
CA THR B 512 11.82 -17.23 2.81
C THR B 512 10.37 -16.87 2.46
N CYS B 513 10.16 -15.56 2.40
CA CYS B 513 8.93 -14.96 1.93
C CYS B 513 9.26 -13.85 0.94
N ASN B 514 8.64 -13.87 -0.22
CA ASN B 514 8.76 -12.75 -1.13
C ASN B 514 7.40 -12.03 -1.08
N GLU B 515 7.35 -10.90 -0.38
CA GLU B 515 6.13 -10.13 -0.11
C GLU B 515 5.50 -9.56 -1.37
N LYS B 516 6.26 -9.33 -2.45
CA LYS B 516 5.72 -8.66 -3.63
C LYS B 516 5.13 -9.67 -4.57
N LYS B 517 5.73 -10.87 -4.65
CA LYS B 517 5.11 -11.86 -5.52
C LYS B 517 4.17 -12.75 -4.70
N ARG B 518 4.10 -12.55 -3.38
CA ARG B 518 3.33 -13.41 -2.46
C ARG B 518 3.78 -14.86 -2.56
N VAL B 519 5.05 -15.09 -2.29
CA VAL B 519 5.72 -16.38 -2.39
C VAL B 519 6.30 -16.77 -1.03
N PHE B 520 5.86 -17.94 -0.53
CA PHE B 520 6.43 -18.52 0.65
C PHE B 520 7.18 -19.78 0.24
N SER B 521 8.36 -20.00 0.84
CA SER B 521 9.13 -21.17 0.51
C SER B 521 9.91 -21.70 1.72
N THR B 522 10.05 -23.03 1.84
CA THR B 522 10.91 -23.57 2.89
C THR B 522 11.39 -24.97 2.56
N ASP B 523 12.57 -25.35 3.05
CA ASP B 523 12.98 -26.74 2.93
C ASP B 523 12.57 -27.51 4.18
N ILE B 524 11.78 -28.58 3.99
CA ILE B 524 11.16 -29.26 5.13
C ILE B 524 11.89 -30.56 5.49
N ALA B 525 13.00 -30.86 4.84
CA ALA B 525 13.60 -32.19 4.84
C ALA B 525 14.11 -32.61 6.23
N ALA B 526 14.48 -31.60 7.03
CA ALA B 526 15.04 -31.75 8.34
C ALA B 526 13.95 -32.02 9.38
N ALA B 527 12.69 -32.00 8.97
CA ALA B 527 11.60 -32.22 9.89
C ALA B 527 11.26 -33.71 9.95
N TYR B 528 11.86 -34.47 9.05
CA TYR B 528 11.63 -35.88 8.82
C TYR B 528 12.79 -36.67 9.45
N PRO B 529 12.61 -37.93 9.87
CA PRO B 529 13.75 -38.72 10.36
C PRO B 529 14.61 -39.29 9.23
N SER B 530 15.71 -39.98 9.62
CA SER B 530 16.73 -40.38 8.67
C SER B 530 16.21 -41.49 7.77
N GLU B 531 15.24 -42.27 8.19
CA GLU B 531 14.80 -43.31 7.30
C GLU B 531 13.93 -42.71 6.22
N ALA B 532 13.52 -41.40 6.31
CA ALA B 532 12.89 -40.66 5.20
C ALA B 532 13.82 -40.52 4.00
N LYS B 533 15.14 -40.51 4.32
CA LYS B 533 16.20 -40.57 3.32
C LYS B 533 15.95 -39.50 2.27
N VAL B 534 15.89 -38.27 2.79
CA VAL B 534 15.62 -37.12 1.96
C VAL B 534 16.77 -36.15 2.10
N LYS B 535 17.37 -35.67 0.97
CA LYS B 535 18.37 -34.60 0.99
C LYS B 535 17.69 -33.25 1.07
N ASN B 536 16.86 -32.86 0.08
CA ASN B 536 16.04 -31.66 0.24
C ASN B 536 14.61 -31.93 -0.21
N TRP B 537 13.70 -31.18 0.42
CA TRP B 537 12.29 -31.12 0.05
C TRP B 537 11.75 -29.70 0.20
N ILE B 538 11.63 -29.00 -0.94
CA ILE B 538 11.15 -27.62 -0.94
C ILE B 538 9.64 -27.61 -1.13
N ARG B 539 8.97 -27.04 -0.14
CA ARG B 539 7.56 -26.80 -0.20
C ARG B 539 7.35 -25.30 -0.34
N SER B 540 6.64 -24.95 -1.37
CA SER B 540 6.46 -23.55 -1.61
C SER B 540 5.00 -23.26 -2.06
N TYR B 541 4.58 -22.06 -1.69
CA TYR B 541 3.24 -21.57 -1.90
C TYR B 541 3.33 -20.23 -2.63
N THR B 542 2.63 -20.08 -3.76
CA THR B 542 2.49 -18.83 -4.49
C THR B 542 1.04 -18.42 -4.65
N LEU B 543 0.64 -17.29 -4.08
CA LEU B 543 -0.70 -16.81 -4.27
C LEU B 543 -0.73 -15.67 -5.31
N ASP B 544 -1.47 -15.87 -6.37
CA ASP B 544 -1.73 -14.76 -7.26
C ASP B 544 -3.19 -14.39 -7.13
N ASP B 545 -3.75 -13.63 -8.09
CA ASP B 545 -5.07 -13.06 -7.92
C ASP B 545 -6.13 -14.14 -8.12
N ARG B 546 -5.84 -15.20 -8.86
CA ARG B 546 -6.85 -16.22 -9.16
C ARG B 546 -6.52 -17.55 -8.48
N LYS B 547 -5.31 -17.80 -7.98
CA LYS B 547 -5.03 -19.17 -7.58
C LYS B 547 -3.86 -19.24 -6.61
N LEU B 548 -3.89 -20.31 -5.81
CA LEU B 548 -2.75 -20.76 -5.05
C LEU B 548 -2.07 -21.91 -5.78
N THR B 549 -0.76 -21.77 -6.03
CA THR B 549 0.02 -22.88 -6.52
C THR B 549 0.89 -23.40 -5.37
N ILE B 550 0.72 -24.67 -5.02
CA ILE B 550 1.59 -25.41 -4.13
C ILE B 550 2.51 -26.28 -4.92
N THR B 551 3.82 -26.10 -4.70
CA THR B 551 4.82 -26.98 -5.28
C THR B 551 5.56 -27.78 -4.19
N ASP B 552 5.94 -28.97 -4.65
CA ASP B 552 6.88 -29.80 -3.93
C ASP B 552 8.00 -30.07 -4.89
N SER B 553 9.21 -29.85 -4.38
CA SER B 553 10.40 -30.20 -5.16
C SER B 553 11.42 -30.94 -4.28
N TYR B 554 11.73 -32.19 -4.63
CA TYR B 554 12.48 -33.07 -3.73
C TYR B 554 13.68 -33.79 -4.35
N THR B 555 14.67 -34.08 -3.48
CA THR B 555 15.75 -34.98 -3.87
C THR B 555 16.05 -35.96 -2.73
N LEU B 556 15.97 -37.26 -3.05
CA LEU B 556 16.07 -38.31 -2.04
C LEU B 556 17.47 -38.92 -2.01
N GLU B 557 17.81 -39.56 -0.89
CA GLU B 557 18.98 -40.42 -0.76
C GLU B 557 18.69 -41.71 -1.51
N GLU B 558 17.52 -42.29 -1.27
CA GLU B 558 17.02 -43.37 -2.09
C GLU B 558 15.49 -43.36 -2.10
N ALA B 559 14.97 -43.74 -3.25
CA ALA B 559 13.57 -44.01 -3.44
C ALA B 559 13.25 -45.36 -2.78
N VAL B 560 12.63 -45.34 -1.60
CA VAL B 560 12.33 -46.56 -0.88
C VAL B 560 10.87 -46.96 -1.04
N ALA B 561 9.97 -46.02 -0.76
CA ALA B 561 8.51 -46.20 -0.77
C ALA B 561 7.94 -45.01 -1.55
N PRO B 562 6.75 -45.13 -2.18
CA PRO B 562 6.18 -43.96 -2.88
C PRO B 562 5.88 -42.84 -1.89
N ASN B 563 6.04 -41.59 -2.32
CA ASN B 563 5.60 -40.48 -1.51
C ASN B 563 4.09 -40.47 -1.44
N GLN B 564 3.54 -39.97 -0.33
CA GLN B 564 2.12 -39.68 -0.33
C GLN B 564 1.91 -38.21 0.09
N VAL B 565 0.93 -37.51 -0.53
CA VAL B 565 0.58 -36.16 -0.13
C VAL B 565 -0.86 -36.10 0.41
N ASN B 566 -1.03 -35.42 1.55
CA ASN B 566 -2.33 -35.31 2.19
C ASN B 566 -2.85 -33.87 2.21
N PHE B 567 -4.19 -33.70 2.09
CA PHE B 567 -4.86 -32.43 2.31
C PHE B 567 -6.08 -32.63 3.22
N MET B 568 -6.36 -31.70 4.14
CA MET B 568 -7.50 -31.83 5.05
C MET B 568 -8.60 -30.91 4.60
N THR B 569 -9.85 -31.39 4.61
CA THR B 569 -10.91 -30.51 4.12
C THR B 569 -12.23 -30.90 4.74
N TRP B 570 -13.28 -30.18 4.37
CA TRP B 570 -14.63 -30.53 4.77
C TRP B 570 -15.67 -30.09 3.75
N GLY B 571 -16.95 -30.32 4.07
CA GLY B 571 -18.10 -29.98 3.22
C GLY B 571 -18.37 -31.09 2.20
N ASN B 572 -18.66 -30.70 0.98
CA ASN B 572 -18.97 -31.59 -0.11
C ASN B 572 -17.76 -31.72 -1.05
N VAL B 573 -17.04 -32.85 -0.94
CA VAL B 573 -15.84 -33.10 -1.68
C VAL B 573 -16.18 -34.12 -2.79
N THR B 574 -15.90 -33.75 -4.04
CA THR B 574 -16.11 -34.66 -5.16
C THR B 574 -14.86 -34.74 -6.06
N PHE B 575 -14.91 -35.75 -6.95
CA PHE B 575 -13.80 -36.11 -7.79
C PHE B 575 -14.29 -36.13 -9.24
N PRO B 576 -14.54 -34.97 -9.91
CA PRO B 576 -15.23 -34.97 -11.19
C PRO B 576 -14.49 -35.51 -12.40
N SER B 577 -13.15 -35.66 -12.27
CA SER B 577 -12.27 -36.22 -13.29
C SER B 577 -10.88 -36.35 -12.70
N GLN B 578 -9.94 -36.93 -13.46
CA GLN B 578 -8.59 -37.03 -12.97
C GLN B 578 -7.90 -35.75 -13.40
N GLY B 579 -6.85 -35.28 -12.72
CA GLY B 579 -6.73 -35.05 -11.31
C GLY B 579 -7.35 -33.70 -10.98
N LYS B 580 -8.66 -33.71 -10.74
CA LYS B 580 -9.45 -32.60 -10.21
C LYS B 580 -10.18 -33.11 -8.99
N ILE B 581 -10.22 -32.26 -7.96
CA ILE B 581 -11.03 -32.41 -6.77
C ILE B 581 -11.86 -31.14 -6.68
N GLN B 582 -13.11 -31.32 -6.28
CA GLN B 582 -14.02 -30.18 -6.10
C GLN B 582 -14.47 -30.14 -4.67
N ILE B 583 -14.27 -28.96 -4.04
CA ILE B 583 -14.67 -28.74 -2.67
C ILE B 583 -15.68 -27.60 -2.64
N GLU B 584 -16.85 -27.88 -2.05
CA GLU B 584 -17.95 -26.92 -1.97
C GLU B 584 -18.29 -26.80 -0.48
N VAL B 585 -18.23 -25.61 0.10
CA VAL B 585 -18.48 -25.54 1.55
C VAL B 585 -18.83 -24.11 1.92
N LYS B 586 -19.81 -24.00 2.81
CA LYS B 586 -20.52 -22.80 3.19
C LYS B 586 -20.57 -21.74 2.09
N GLY B 587 -21.11 -22.08 0.94
CA GLY B 587 -21.28 -21.10 -0.14
C GLY B 587 -20.08 -21.04 -1.09
N GLN B 588 -18.93 -21.60 -0.74
CA GLN B 588 -17.77 -21.33 -1.57
C GLN B 588 -17.45 -22.59 -2.38
N LYS B 589 -16.75 -22.45 -3.48
CA LYS B 589 -16.50 -23.59 -4.32
C LYS B 589 -15.13 -23.49 -5.01
N VAL B 590 -14.28 -24.52 -4.83
CA VAL B 590 -12.93 -24.48 -5.37
C VAL B 590 -12.67 -25.79 -6.10
N GLU B 591 -11.68 -25.71 -6.98
CA GLU B 591 -11.10 -26.87 -7.60
C GLU B 591 -9.65 -26.99 -7.18
N LEU B 592 -9.28 -28.21 -6.77
CA LEU B 592 -7.89 -28.59 -6.53
C LEU B 592 -7.38 -29.45 -7.72
N ASP B 593 -6.39 -28.96 -8.46
CA ASP B 593 -5.77 -29.63 -9.59
C ASP B 593 -4.50 -30.36 -9.06
N TYR B 594 -4.39 -31.67 -9.28
CA TYR B 594 -3.25 -32.43 -8.78
C TYR B 594 -2.66 -33.30 -9.92
N PRO B 595 -1.39 -33.78 -9.79
CA PRO B 595 -0.75 -34.64 -10.82
C PRO B 595 -1.40 -36.00 -11.04
N THR B 596 -1.58 -36.40 -12.29
CA THR B 596 -2.29 -37.64 -12.63
C THR B 596 -1.54 -38.91 -12.25
N LEU B 597 -0.21 -38.89 -12.12
CA LEU B 597 0.47 -40.03 -11.52
C LEU B 597 -0.13 -40.38 -10.15
N PHE B 598 -1.00 -39.53 -9.57
CA PHE B 598 -1.49 -39.83 -8.23
C PHE B 598 -2.93 -40.28 -8.32
N LYS B 599 -3.29 -41.19 -7.41
CA LYS B 599 -4.67 -41.60 -7.18
C LYS B 599 -5.22 -41.00 -5.88
N ALA B 600 -6.35 -40.31 -6.01
CA ALA B 600 -6.98 -39.54 -4.95
C ALA B 600 -8.04 -40.36 -4.23
N GLU B 601 -8.05 -40.37 -2.91
CA GLU B 601 -9.07 -41.07 -2.13
C GLU B 601 -9.51 -40.19 -0.96
N LEU B 602 -10.75 -40.32 -0.51
CA LEU B 602 -11.27 -39.44 0.52
C LEU B 602 -11.59 -40.25 1.75
N GLU B 603 -10.94 -40.00 2.87
CA GLU B 603 -11.19 -40.83 4.01
C GLU B 603 -11.86 -39.99 5.08
N THR B 604 -12.93 -40.50 5.67
CA THR B 604 -13.79 -39.76 6.57
C THR B 604 -13.19 -39.80 7.95
N ILE B 605 -13.30 -38.68 8.62
CA ILE B 605 -12.84 -38.59 9.97
C ILE B 605 -13.98 -38.09 10.86
N GLN B 606 -14.69 -39.05 11.47
CA GLN B 606 -15.83 -38.75 12.31
C GLN B 606 -15.32 -38.13 13.59
N LEU B 607 -15.89 -37.00 13.93
CA LEU B 607 -15.45 -36.27 15.10
C LEU B 607 -16.45 -36.58 16.21
N ASP B 608 -16.06 -37.44 17.15
CA ASP B 608 -16.83 -37.66 18.37
C ASP B 608 -16.29 -36.81 19.50
N ASP B 609 -15.09 -36.24 19.40
CA ASP B 609 -14.64 -35.23 20.34
C ASP B 609 -15.42 -33.92 20.15
N PRO B 610 -16.18 -33.45 21.16
CA PRO B 610 -17.00 -32.25 21.00
C PRO B 610 -16.24 -30.95 20.72
N ARG B 611 -15.02 -30.85 21.22
CA ARG B 611 -14.23 -29.64 21.00
C ARG B 611 -13.97 -29.43 19.50
N LEU B 612 -13.91 -30.53 18.76
CA LEU B 612 -13.77 -30.49 17.32
C LEU B 612 -15.14 -30.44 16.67
N SER B 613 -16.09 -31.30 17.08
CA SER B 613 -17.36 -31.33 16.37
C SER B 613 -18.08 -29.98 16.50
N ASN B 614 -17.75 -29.20 17.54
CA ASN B 614 -18.38 -27.90 17.73
C ASN B 614 -17.89 -26.88 16.72
N VAL B 615 -16.74 -27.15 16.12
CA VAL B 615 -16.18 -26.29 15.12
C VAL B 615 -16.57 -26.80 13.74
N TRP B 616 -16.35 -28.08 13.46
CA TRP B 616 -16.34 -28.57 12.10
C TRP B 616 -17.63 -29.32 11.78
N GLY B 617 -18.44 -29.63 12.79
CA GLY B 617 -19.54 -30.57 12.66
C GLY B 617 -19.09 -32.03 12.81
N LYS B 618 -19.85 -32.95 12.26
CA LYS B 618 -19.76 -34.36 12.60
C LYS B 618 -18.47 -35.02 12.12
N GLU B 619 -17.91 -34.52 11.00
CA GLU B 619 -16.79 -35.16 10.33
C GLU B 619 -16.03 -34.19 9.43
N ILE B 620 -14.76 -34.55 9.15
CA ILE B 620 -13.94 -33.85 8.19
C ILE B 620 -13.28 -34.95 7.37
N TYR B 621 -12.51 -34.55 6.34
CA TYR B 621 -11.92 -35.49 5.39
C TYR B 621 -10.40 -35.33 5.36
N ARG B 622 -9.74 -36.42 5.01
CA ARG B 622 -8.36 -36.38 4.62
C ARG B 622 -8.42 -36.84 3.18
N ILE B 623 -7.94 -35.98 2.29
CA ILE B 623 -7.61 -36.42 0.94
C ILE B 623 -6.21 -36.99 0.94
N THR B 624 -6.10 -38.25 0.49
CA THR B 624 -4.83 -38.93 0.31
C THR B 624 -4.52 -38.97 -1.18
N LEU B 625 -3.25 -38.71 -1.50
CA LEU B 625 -2.77 -38.86 -2.86
C LEU B 625 -1.62 -39.85 -2.82
N LYS B 626 -1.76 -40.93 -3.61
CA LYS B 626 -0.87 -42.09 -3.52
C LYS B 626 -0.45 -42.49 -4.92
N THR B 627 0.74 -43.05 -5.01
CA THR B 627 1.33 -43.42 -6.28
C THR B 627 2.12 -44.71 -6.09
N ASN B 628 2.28 -45.39 -7.21
CA ASN B 628 3.19 -46.52 -7.33
C ASN B 628 4.57 -46.09 -7.81
N GLU B 629 4.66 -44.96 -8.48
CA GLU B 629 5.94 -44.46 -8.96
C GLU B 629 6.82 -44.05 -7.78
N LYS B 630 8.13 -44.26 -7.93
CA LYS B 630 9.08 -43.89 -6.89
C LYS B 630 10.39 -43.47 -7.56
N LYS B 631 10.89 -42.26 -7.28
CA LYS B 631 12.05 -41.76 -7.99
C LYS B 631 12.81 -40.86 -7.02
N GLU B 632 14.10 -40.66 -7.27
CA GLU B 632 14.97 -40.05 -6.26
C GLU B 632 14.89 -38.54 -6.41
N THR B 633 14.52 -38.03 -7.63
CA THR B 633 14.26 -36.60 -7.76
C THR B 633 12.93 -36.38 -8.46
N GLY B 634 12.19 -35.36 -8.05
CA GLY B 634 10.88 -35.15 -8.61
C GLY B 634 10.25 -33.92 -8.04
N ASN B 635 9.10 -33.58 -8.65
CA ASN B 635 8.32 -32.44 -8.22
C ASN B 635 6.84 -32.65 -8.51
N TYR B 636 5.99 -32.02 -7.72
CA TYR B 636 4.54 -32.04 -7.85
C TYR B 636 4.09 -30.59 -7.86
N LYS B 637 3.03 -30.35 -8.63
CA LYS B 637 2.43 -29.03 -8.67
C LYS B 637 0.97 -29.20 -8.36
N PHE B 638 0.43 -28.42 -7.44
CA PHE B 638 -1.00 -28.42 -7.19
C PHE B 638 -1.51 -26.98 -7.33
N VAL B 639 -2.76 -26.85 -7.76
CA VAL B 639 -3.33 -25.54 -8.03
C VAL B 639 -4.70 -25.54 -7.42
N ILE B 640 -5.00 -24.48 -6.66
CA ILE B 640 -6.34 -24.29 -6.09
C ILE B 640 -6.91 -22.94 -6.50
N GLN B 641 -8.09 -22.98 -7.14
CA GLN B 641 -8.76 -21.76 -7.61
C GLN B 641 -10.25 -21.86 -7.42
N GLN B 642 -10.91 -20.73 -7.21
CA GLN B 642 -12.36 -20.69 -7.09
C GLN B 642 -12.97 -21.01 -8.45
N ILE B 643 -14.10 -21.70 -8.50
CA ILE B 643 -14.96 -21.68 -9.69
C ILE B 643 -16.40 -21.81 -9.17
ZN ZN C . 3.63 -1.43 -26.09
ZN ZN D . -2.54 -28.67 13.37
#